data_6P2L
#
_entry.id   6P2L
#
_cell.length_a   42.869
_cell.length_b   119.096
_cell.length_c   127.043
_cell.angle_alpha   90.00
_cell.angle_beta   90.00
_cell.angle_gamma   90.00
#
_symmetry.space_group_name_H-M   'P 2 21 21'
#
loop_
_entity.id
_entity.type
_entity.pdbx_description
1 polymer 'Glycosyl hydrolase BNR repeat-containing protein'
2 branched alpha-D-xylopyranose-(1-6)-beta-D-glucopyranose-(1-4)-[alpha-D-xylopyranose-(1-6)]beta-D-glucopyranose-(1-4)-[beta-D-galactopyranose-(1-2)-alpha-D-xylopyranose-(1-6)]beta-D-glucopyranose-(1-4)-alpha-D-glucopyranose
3 branched alpha-D-xylopyranose-(1-6)-beta-D-glucopyranose-(1-4)-[alpha-D-xylopyranose-(1-6)]beta-D-glucopyranose-(1-4)-[alpha-D-xylopyranose-(1-6)]beta-D-glucopyranose-(1-4)-beta-D-glucopyranose
4 non-polymer 'CHLORIDE ION'
5 water water
#
_entity_poly.entity_id   1
_entity_poly.type   'polypeptide(L)'
_entity_poly.pdbx_seq_one_letter_code
;TKLIAQTFGNVALGGGGFVSGIISHKTSGDVYCRTDVGGAYRWDAVNSKWIPLLDWTSENETTYQGVEALALDPQNANNL
YLLAGTAYFNGGKTAILKSTDKGNTFTEVIVTSQFTAHGNRLGRANGERLAVDPNNSSILFCGTGANGLWKSTNGGLTWT
LAWNGVTTTSNGNGICFVVFDPSSVSGGVTQTIYIGVSRTGANNIYKSTDGGSTFTAIQPDNSFMPHRAVLSSDNSTLYV
AMADGEGPSNGGSGRVYKLVTATGTWTNITPNGNNFPYGGVSVDPSNTNRIIVSTENAWSNNQFGATWGDFVFFSANGGN
TWTQKLSSTSTLNTNGIGWIAGRGIHWAGSIDFDPLNTARVRVISGNGIFTCDDINASATSWKFDVKGMEETVVLDAISI
PGGSFISAVGDQFGAVYSNVYAYPAKVHTPTVTSNNGIAYAANNVSKVVRATDQLYYSTDQGATWTAAASTIGGGYGKIA
LSADGNTTLYCPSGQSTTYYSTDNGGSWTSTGVTTVQDACPIADYVNTNKFYIYSPTSGQLLVSTNKGVSFTASAVNPGQ
WGSGRARAVPDNEGSVWVALNGGGLKYTTNNGTSWTTVPNVSYCGAVGIGKAATGATYPAVYIWGTVSGVRGMFRSTDQG
ASWIRINDDAHEWGGPGNGNFVMGDMNVFGRVYMSTVGRGLVTIESDLSALPLQFTH
;
_entity_poly.pdbx_strand_id   A
#
# COMPACT_ATOMS: atom_id res chain seq x y z
N GLN A 6 -13.00 -1.79 16.43
CA GLN A 6 -13.68 -3.03 16.79
C GLN A 6 -14.33 -3.65 15.55
N THR A 7 -15.24 -2.91 14.93
CA THR A 7 -15.94 -3.39 13.75
C THR A 7 -15.02 -3.46 12.55
N PHE A 8 -14.22 -2.43 12.32
CA PHE A 8 -13.36 -2.35 11.16
C PHE A 8 -11.92 -2.60 11.58
N GLY A 9 -11.21 -3.37 10.79
CA GLY A 9 -9.84 -3.68 11.11
C GLY A 9 -9.08 -4.30 9.95
N ASN A 10 -8.07 -5.09 10.29
CA ASN A 10 -7.18 -5.69 9.31
C ASN A 10 -6.77 -7.07 9.81
N VAL A 11 -6.55 -7.99 8.88
CA VAL A 11 -5.69 -9.12 9.18
C VAL A 11 -4.31 -8.59 9.55
N ALA A 12 -3.76 -9.07 10.66
CA ALA A 12 -2.46 -8.60 11.11
C ALA A 12 -1.32 -9.15 10.25
N LEU A 13 -0.49 -8.26 9.75
CA LEU A 13 0.75 -8.66 9.08
C LEU A 13 1.81 -7.67 9.51
N GLY A 14 1.59 -6.40 9.21
CA GLY A 14 2.40 -5.32 9.74
C GLY A 14 3.20 -4.64 8.65
N GLY A 15 2.84 -3.41 8.33
CA GLY A 15 3.55 -2.68 7.29
C GLY A 15 3.50 -3.43 5.99
N GLY A 16 4.67 -3.71 5.41
CA GLY A 16 4.78 -4.57 4.25
C GLY A 16 4.78 -3.84 2.94
N GLY A 17 4.67 -2.52 2.94
CA GLY A 17 4.80 -1.71 1.75
C GLY A 17 5.60 -0.47 2.05
N PHE A 18 5.76 0.37 1.04
CA PHE A 18 6.66 1.51 1.16
C PHE A 18 5.95 2.67 1.83
N VAL A 19 6.49 3.08 2.97
CA VAL A 19 6.15 4.35 3.60
C VAL A 19 7.08 5.36 2.95
N SER A 20 6.53 6.37 2.28
CA SER A 20 7.31 7.25 1.44
C SER A 20 7.68 8.58 2.11
N GLY A 21 7.26 8.81 3.35
CA GLY A 21 7.69 10.00 4.06
C GLY A 21 7.22 10.02 5.49
N ILE A 22 8.06 10.54 6.37
CA ILE A 22 7.71 10.82 7.75
C ILE A 22 7.70 12.32 7.91
N ILE A 23 6.68 12.86 8.58
CA ILE A 23 6.55 14.30 8.79
C ILE A 23 6.15 14.50 10.25
N SER A 24 6.91 15.28 10.98
CA SER A 24 6.56 15.57 12.36
C SER A 24 6.45 17.07 12.59
N HIS A 25 5.59 17.44 13.52
CA HIS A 25 5.39 18.83 13.88
C HIS A 25 6.50 19.22 14.85
N LYS A 26 7.26 20.26 14.50
CA LYS A 26 8.50 20.56 15.22
C LYS A 26 8.23 21.27 16.54
N THR A 27 6.98 21.65 16.81
CA THR A 27 6.55 22.20 18.09
C THR A 27 5.72 21.19 18.88
N SER A 28 4.65 20.64 18.28
CA SER A 28 3.77 19.78 19.04
C SER A 28 4.29 18.34 19.15
N GLY A 29 5.17 17.94 18.26
CA GLY A 29 5.64 16.56 18.28
C GLY A 29 4.70 15.54 17.68
N ASP A 30 3.59 15.95 17.08
CA ASP A 30 2.76 15.02 16.33
C ASP A 30 3.56 14.45 15.17
N VAL A 31 3.36 13.16 14.91
CA VAL A 31 4.10 12.43 13.88
C VAL A 31 3.10 11.81 12.93
N TYR A 32 3.37 11.96 11.63
CA TYR A 32 2.56 11.38 10.57
C TYR A 32 3.47 10.68 9.58
N CYS A 33 2.87 9.81 8.76
CA CYS A 33 3.58 9.30 7.61
C CYS A 33 2.65 9.23 6.42
N ARG A 34 3.24 9.21 5.24
CA ARG A 34 2.52 9.02 4.01
C ARG A 34 3.04 7.80 3.30
N THR A 35 2.20 7.20 2.47
CA THR A 35 2.51 6.00 1.72
C THR A 35 2.21 6.21 0.25
N ASP A 36 2.78 5.31 -0.57
CA ASP A 36 2.65 5.47 -2.01
C ASP A 36 1.35 4.90 -2.57
N VAL A 37 0.81 3.84 -1.96
CA VAL A 37 -0.36 3.16 -2.47
C VAL A 37 -1.49 3.02 -1.45
N GLY A 38 -1.25 3.41 -0.19
CA GLY A 38 -2.20 3.09 0.88
C GLY A 38 -2.47 4.22 1.85
N GLY A 39 -2.49 5.45 1.37
CA GLY A 39 -2.94 6.56 2.19
C GLY A 39 -1.87 7.09 3.13
N ALA A 40 -2.33 7.62 4.26
CA ALA A 40 -1.46 8.29 5.24
C ALA A 40 -1.92 7.88 6.63
N TYR A 41 -1.05 8.10 7.60
CA TYR A 41 -1.34 7.72 8.97
C TYR A 41 -0.85 8.80 9.94
N ARG A 42 -1.56 8.94 11.06
CA ARG A 42 -1.07 9.65 12.22
C ARG A 42 -0.60 8.66 13.27
N TRP A 43 0.54 8.92 13.89
CA TRP A 43 0.99 8.11 15.01
C TRP A 43 0.21 8.51 16.24
N ASP A 44 -0.56 7.58 16.76
CA ASP A 44 -1.25 7.78 18.02
C ASP A 44 -0.27 7.37 19.11
N ALA A 45 0.42 8.37 19.66
CA ALA A 45 1.45 8.11 20.67
C ALA A 45 0.82 7.81 22.01
N VAL A 46 -0.46 8.13 22.21
CA VAL A 46 -1.12 7.78 23.45
C VAL A 46 -1.32 6.26 23.52
N ASN A 47 -1.79 5.67 22.42
CA ASN A 47 -2.04 4.23 22.35
C ASN A 47 -0.99 3.42 21.59
N SER A 48 0.04 4.08 21.09
CA SER A 48 1.13 3.45 20.36
C SER A 48 0.67 2.62 19.16
N LYS A 49 -0.03 3.28 18.25
CA LYS A 49 -0.41 2.64 17.00
C LYS A 49 -0.60 3.72 15.95
N TRP A 50 -0.39 3.33 14.70
CA TRP A 50 -0.70 4.21 13.58
C TRP A 50 -2.19 4.20 13.29
N ILE A 51 -2.74 5.36 12.95
CA ILE A 51 -4.15 5.57 12.66
CA ILE A 51 -4.15 5.52 12.66
C ILE A 51 -4.28 5.89 11.19
N PRO A 52 -4.94 5.07 10.36
CA PRO A 52 -5.11 5.44 8.96
C PRO A 52 -6.04 6.63 8.83
N LEU A 53 -5.67 7.53 7.92
CA LEU A 53 -6.41 8.77 7.76
C LEU A 53 -7.27 8.81 6.51
N LEU A 54 -7.04 7.93 5.54
CA LEU A 54 -7.73 8.01 4.25
C LEU A 54 -8.59 6.77 3.95
N ASP A 55 -9.00 6.03 4.96
CA ASP A 55 -9.84 4.86 4.69
C ASP A 55 -11.23 5.25 4.20
N TRP A 56 -11.60 6.53 4.29
CA TRP A 56 -12.86 7.03 3.79
C TRP A 56 -12.90 7.17 2.29
N THR A 57 -11.80 7.03 1.56
CA THR A 57 -11.87 7.27 0.12
C THR A 57 -12.77 6.22 -0.54
N SER A 58 -13.75 6.69 -1.30
CA SER A 58 -14.60 5.79 -2.03
CA SER A 58 -14.60 5.79 -2.03
C SER A 58 -13.86 5.21 -3.23
N GLU A 59 -14.55 4.33 -3.96
CA GLU A 59 -13.99 3.80 -5.18
C GLU A 59 -13.87 4.84 -6.28
N ASN A 60 -14.55 5.98 -6.16
CA ASN A 60 -14.32 7.13 -7.03
C ASN A 60 -13.14 7.97 -6.59
N GLU A 61 -12.47 7.57 -5.51
CA GLU A 61 -11.39 8.32 -4.88
C GLU A 61 -10.20 7.42 -4.57
N THR A 62 -10.14 6.24 -5.20
CA THR A 62 -8.99 5.35 -5.01
C THR A 62 -7.70 6.09 -5.25
N THR A 63 -7.72 6.99 -6.23
CA THR A 63 -6.60 7.86 -6.52
C THR A 63 -5.93 8.47 -5.29
N TYR A 64 -6.72 8.86 -4.29
CA TYR A 64 -6.17 9.55 -3.14
C TYR A 64 -5.39 8.64 -2.19
N GLN A 65 -5.42 7.32 -2.42
CA GLN A 65 -4.52 6.44 -1.67
C GLN A 65 -3.06 6.75 -1.99
N GLY A 66 -2.78 7.40 -3.10
CA GLY A 66 -1.42 7.81 -3.41
C GLY A 66 -1.12 9.16 -2.81
N VAL A 67 -0.27 9.24 -1.80
CA VAL A 67 -0.03 10.50 -1.11
C VAL A 67 1.37 11.01 -1.44
N GLU A 68 1.42 12.07 -2.24
CA GLU A 68 2.68 12.61 -2.74
C GLU A 68 3.36 13.58 -1.76
N ALA A 69 2.61 14.25 -0.89
CA ALA A 69 3.19 15.18 0.04
C ALA A 69 2.24 15.36 1.21
N LEU A 70 2.81 15.72 2.35
CA LEU A 70 2.06 15.99 3.56
C LEU A 70 2.72 17.18 4.24
N ALA A 71 1.92 18.18 4.58
CA ALA A 71 2.43 19.39 5.17
C ALA A 71 1.66 19.72 6.44
N LEU A 72 2.41 20.21 7.42
CA LEU A 72 1.88 20.74 8.66
C LEU A 72 2.10 22.26 8.71
N ASP A 73 1.34 22.88 9.58
CA ASP A 73 1.37 24.33 9.78
C ASP A 73 2.18 24.60 11.04
N PRO A 74 3.37 25.19 10.93
CA PRO A 74 4.18 25.43 12.13
C PRO A 74 3.47 26.19 13.22
N GLN A 75 2.54 27.07 12.89
CA GLN A 75 1.87 27.88 13.91
C GLN A 75 0.64 27.21 14.49
N ASN A 76 0.15 26.11 13.91
CA ASN A 76 -1.10 25.52 14.37
C ASN A 76 -1.08 24.03 14.02
N ALA A 77 -0.79 23.22 15.03
CA ALA A 77 -0.67 21.79 14.88
C ALA A 77 -1.98 21.12 14.47
N ASN A 78 -3.12 21.79 14.56
CA ASN A 78 -4.35 21.17 14.11
C ASN A 78 -4.45 21.03 12.60
N ASN A 79 -3.76 21.86 11.85
CA ASN A 79 -3.89 21.85 10.40
C ASN A 79 -3.04 20.75 9.79
N LEU A 80 -3.55 20.12 8.75
CA LEU A 80 -2.85 19.07 8.03
C LEU A 80 -3.28 19.15 6.58
N TYR A 81 -2.33 19.04 5.68
CA TYR A 81 -2.61 19.08 4.26
C TYR A 81 -1.92 17.92 3.57
N LEU A 82 -2.64 17.29 2.65
CA LEU A 82 -2.08 16.26 1.80
C LEU A 82 -2.21 16.65 0.33
N LEU A 83 -1.22 16.30 -0.46
CA LEU A 83 -1.36 16.28 -1.90
C LEU A 83 -1.52 14.82 -2.32
N ALA A 84 -2.67 14.49 -2.90
CA ALA A 84 -3.03 13.10 -3.12
C ALA A 84 -3.50 12.90 -4.55
N GLY A 85 -3.06 11.80 -5.16
CA GLY A 85 -3.47 11.43 -6.49
C GLY A 85 -2.62 10.30 -6.98
N THR A 86 -3.15 9.51 -7.90
CA THR A 86 -2.47 8.38 -8.52
C THR A 86 -2.81 8.40 -9.99
N ALA A 87 -1.79 8.32 -10.84
CA ALA A 87 -2.00 8.54 -12.27
C ALA A 87 -2.97 7.53 -12.86
N TYR A 88 -2.98 6.30 -12.36
CA TYR A 88 -3.68 5.21 -12.98
C TYR A 88 -5.05 4.92 -12.37
N PHE A 89 -5.53 5.75 -11.45
CA PHE A 89 -6.87 5.61 -10.92
C PHE A 89 -7.69 6.88 -11.13
N ASN A 90 -8.98 6.70 -11.40
CA ASN A 90 -9.94 7.80 -11.40
C ASN A 90 -9.46 8.95 -12.27
N GLY A 91 -8.91 8.62 -13.44
CA GLY A 91 -8.48 9.64 -14.36
C GLY A 91 -7.33 10.48 -13.88
N GLY A 92 -6.60 10.00 -12.87
CA GLY A 92 -5.53 10.78 -12.29
C GLY A 92 -5.98 11.94 -11.43
N LYS A 93 -7.25 11.97 -11.05
CA LYS A 93 -7.79 13.04 -10.22
C LYS A 93 -6.89 13.29 -9.03
N THR A 94 -6.58 14.57 -8.82
CA THR A 94 -5.65 15.01 -7.79
C THR A 94 -6.33 16.05 -6.92
N ALA A 95 -6.06 16.00 -5.63
CA ALA A 95 -6.63 16.95 -4.71
C ALA A 95 -5.62 17.35 -3.65
N ILE A 96 -5.81 18.57 -3.17
CA ILE A 96 -5.31 18.97 -1.86
C ILE A 96 -6.39 18.57 -0.87
N LEU A 97 -6.02 17.75 0.09
CA LEU A 97 -6.93 17.29 1.14
C LEU A 97 -6.56 18.07 2.39
N LYS A 98 -7.48 18.90 2.84
CA LYS A 98 -7.23 19.86 3.91
C LYS A 98 -7.98 19.42 5.16
N SER A 99 -7.30 19.43 6.30
CA SER A 99 -7.90 19.12 7.57
C SER A 99 -7.54 20.19 8.58
N THR A 100 -8.50 20.47 9.47
CA THR A 100 -8.28 21.36 10.59
C THR A 100 -8.32 20.61 11.91
N ASP A 101 -8.28 19.28 11.87
CA ASP A 101 -8.37 18.45 13.06
C ASP A 101 -7.43 17.26 12.97
N LYS A 102 -6.20 17.50 12.49
CA LYS A 102 -5.14 16.50 12.50
C LYS A 102 -5.51 15.27 11.69
N GLY A 103 -6.36 15.45 10.68
CA GLY A 103 -6.72 14.36 9.80
C GLY A 103 -7.93 13.57 10.21
N ASN A 104 -8.65 13.99 11.25
CA ASN A 104 -9.88 13.28 11.57
C ASN A 104 -10.95 13.51 10.50
N THR A 105 -10.98 14.68 9.89
CA THR A 105 -11.91 14.97 8.80
C THR A 105 -11.17 15.80 7.76
N PHE A 106 -11.57 15.68 6.50
CA PHE A 106 -10.92 16.40 5.43
C PHE A 106 -11.94 17.10 4.56
N THR A 107 -11.51 18.21 3.98
CA THR A 107 -12.14 18.88 2.85
CA THR A 107 -12.15 18.86 2.84
C THR A 107 -11.33 18.61 1.59
N GLU A 108 -12.01 18.34 0.49
CA GLU A 108 -11.36 17.98 -0.76
C GLU A 108 -11.31 19.21 -1.65
N VAL A 109 -10.12 19.56 -2.13
CA VAL A 109 -9.93 20.64 -3.09
C VAL A 109 -9.35 20.00 -4.34
N ILE A 110 -10.19 19.73 -5.33
CA ILE A 110 -9.69 19.11 -6.55
C ILE A 110 -8.87 20.12 -7.34
N VAL A 111 -7.69 19.68 -7.79
CA VAL A 111 -6.76 20.56 -8.51
C VAL A 111 -6.33 19.97 -9.85
N THR A 112 -6.91 18.83 -10.27
CA THR A 112 -6.44 18.10 -11.44
C THR A 112 -6.13 18.94 -12.66
N SER A 113 -7.01 19.88 -12.99
CA SER A 113 -6.82 20.66 -14.21
C SER A 113 -5.69 21.67 -14.07
N GLN A 114 -5.25 21.95 -12.86
CA GLN A 114 -4.12 22.83 -12.61
C GLN A 114 -2.82 22.06 -12.45
N PHE A 115 -2.84 21.03 -11.63
CA PHE A 115 -1.68 20.17 -11.48
C PHE A 115 -2.12 18.80 -11.00
N THR A 116 -1.35 17.77 -11.39
CA THR A 116 -1.62 16.41 -10.98
C THR A 116 -0.51 15.90 -10.07
N ALA A 117 -0.83 14.85 -9.32
CA ALA A 117 0.10 14.15 -8.45
C ALA A 117 0.04 12.67 -8.74
N HIS A 118 1.11 11.97 -8.38
CA HIS A 118 1.19 10.53 -8.59
C HIS A 118 1.96 9.95 -7.41
N GLY A 119 1.23 9.43 -6.43
CA GLY A 119 1.86 8.94 -5.22
C GLY A 119 2.81 7.78 -5.46
N ASN A 120 2.66 7.06 -6.56
CA ASN A 120 3.49 5.90 -6.86
C ASN A 120 4.56 6.21 -7.91
N ARG A 121 4.94 7.48 -8.05
CA ARG A 121 5.94 7.91 -9.00
C ARG A 121 7.35 7.49 -8.60
N LEU A 122 8.24 7.42 -9.59
CA LEU A 122 9.66 7.52 -9.26
C LEU A 122 9.93 8.87 -8.61
N GLY A 123 10.71 8.86 -7.53
CA GLY A 123 10.98 10.05 -6.77
C GLY A 123 10.04 10.28 -5.63
N ARG A 124 9.14 9.32 -5.37
CA ARG A 124 8.05 9.56 -4.43
C ARG A 124 8.49 9.79 -3.00
N ALA A 125 9.66 9.32 -2.58
CA ALA A 125 10.10 9.58 -1.22
C ALA A 125 10.77 10.93 -1.07
N ASN A 126 10.90 11.70 -2.14
CA ASN A 126 11.45 13.03 -2.04
C ASN A 126 10.43 13.97 -1.41
N GLY A 127 10.88 15.02 -0.76
CA GLY A 127 9.93 15.98 -0.24
C GLY A 127 10.46 16.83 0.88
N GLU A 128 9.52 17.52 1.54
CA GLU A 128 8.12 17.61 1.12
C GLU A 128 7.94 18.80 0.18
N ARG A 129 7.20 18.58 -0.89
CA ARG A 129 7.02 19.61 -1.90
C ARG A 129 5.82 20.51 -1.62
N LEU A 130 5.02 20.21 -0.60
CA LEU A 130 3.92 21.04 -0.13
C LEU A 130 4.33 21.62 1.20
N ALA A 131 4.13 22.93 1.40
CA ALA A 131 4.61 23.57 2.62
C ALA A 131 3.75 24.77 2.97
N VAL A 132 3.61 25.00 4.27
CA VAL A 132 2.88 26.14 4.82
C VAL A 132 3.86 27.24 5.21
N ASP A 133 3.53 28.48 4.88
CA ASP A 133 4.36 29.62 5.27
C ASP A 133 4.37 29.72 6.79
N PRO A 134 5.54 29.62 7.45
CA PRO A 134 5.56 29.62 8.93
C PRO A 134 5.13 30.93 9.56
N ASN A 135 5.05 32.01 8.80
CA ASN A 135 4.58 33.29 9.29
C ASN A 135 3.12 33.54 8.96
N ASN A 136 2.48 32.69 8.15
CA ASN A 136 1.15 33.01 7.64
C ASN A 136 0.43 31.73 7.30
N SER A 137 -0.49 31.33 8.18
CA SER A 137 -1.21 30.08 8.01
CA SER A 137 -1.20 30.07 8.01
C SER A 137 -2.06 30.06 6.75
N SER A 138 -2.34 31.21 6.16
CA SER A 138 -3.12 31.27 4.93
CA SER A 138 -3.14 31.22 4.94
C SER A 138 -2.32 30.96 3.68
N ILE A 139 -1.00 30.95 3.75
CA ILE A 139 -0.18 30.79 2.57
C ILE A 139 0.43 29.40 2.52
N LEU A 140 0.25 28.72 1.39
CA LEU A 140 0.92 27.47 1.10
C LEU A 140 1.57 27.56 -0.26
N PHE A 141 2.67 26.84 -0.42
CA PHE A 141 3.28 26.62 -1.72
C PHE A 141 3.32 25.13 -1.99
N CYS A 142 3.22 24.77 -3.25
CA CYS A 142 3.27 23.38 -3.69
C CYS A 142 4.13 23.28 -4.95
N GLY A 143 5.28 22.64 -4.85
CA GLY A 143 5.98 22.21 -6.03
C GLY A 143 5.27 21.01 -6.64
N THR A 144 5.30 20.89 -7.95
CA THR A 144 4.58 19.83 -8.62
C THR A 144 5.54 19.06 -9.51
N GLY A 145 5.12 17.84 -9.85
CA GLY A 145 5.96 17.02 -10.70
C GLY A 145 6.14 17.54 -12.10
N ALA A 146 5.14 18.27 -12.62
CA ALA A 146 5.18 18.61 -14.03
C ALA A 146 4.59 19.97 -14.35
N ASN A 147 4.14 20.75 -13.39
CA ASN A 147 3.37 21.95 -13.66
C ASN A 147 3.90 23.22 -13.01
N GLY A 148 5.09 23.22 -12.47
CA GLY A 148 5.64 24.39 -11.84
C GLY A 148 5.33 24.49 -10.37
N LEU A 149 5.55 25.68 -9.83
CA LEU A 149 5.36 25.96 -8.42
C LEU A 149 4.06 26.73 -8.25
N TRP A 150 3.16 26.22 -7.43
CA TRP A 150 1.84 26.78 -7.21
C TRP A 150 1.76 27.32 -5.79
N LYS A 151 0.85 28.27 -5.58
CA LYS A 151 0.66 28.85 -4.26
C LYS A 151 -0.82 29.04 -3.99
N SER A 152 -1.15 29.14 -2.71
CA SER A 152 -2.47 29.49 -2.23
C SER A 152 -2.32 30.57 -1.18
N THR A 153 -3.27 31.50 -1.17
CA THR A 153 -3.31 32.57 -0.18
C THR A 153 -4.56 32.47 0.70
N ASN A 154 -5.29 31.36 0.60
CA ASN A 154 -6.51 31.16 1.37
C ASN A 154 -6.51 29.79 2.05
N GLY A 155 -5.35 29.36 2.51
CA GLY A 155 -5.30 28.14 3.28
C GLY A 155 -5.58 26.90 2.46
N GLY A 156 -5.30 26.93 1.18
CA GLY A 156 -5.38 25.77 0.33
C GLY A 156 -6.66 25.63 -0.46
N LEU A 157 -7.59 26.58 -0.33
CA LEU A 157 -8.88 26.47 -0.99
C LEU A 157 -8.77 26.71 -2.49
N THR A 158 -7.91 27.61 -2.93
CA THR A 158 -7.63 27.78 -4.35
C THR A 158 -6.13 28.01 -4.54
N TRP A 159 -5.69 27.75 -5.75
CA TRP A 159 -4.29 27.72 -6.11
C TRP A 159 -4.04 28.52 -7.39
N THR A 160 -2.89 29.17 -7.45
CA THR A 160 -2.46 29.87 -8.66
C THR A 160 -1.00 29.55 -8.92
N LEU A 161 -0.59 29.75 -10.16
CA LEU A 161 0.77 29.48 -10.56
C LEU A 161 1.67 30.58 -10.03
N ALA A 162 2.66 30.22 -9.22
CA ALA A 162 3.58 31.18 -8.63
C ALA A 162 4.82 31.39 -9.47
N TRP A 163 5.35 30.33 -10.06
CA TRP A 163 6.62 30.40 -10.76
C TRP A 163 6.70 29.19 -11.67
N ASN A 164 7.21 29.39 -12.88
CA ASN A 164 7.30 28.29 -13.84
C ASN A 164 8.67 28.22 -14.50
N GLY A 165 9.72 28.69 -13.82
CA GLY A 165 11.06 28.52 -14.36
C GLY A 165 11.42 27.06 -14.52
N VAL A 166 10.81 26.20 -13.72
CA VAL A 166 10.85 24.76 -13.91
C VAL A 166 9.41 24.29 -14.02
N THR A 167 9.16 23.39 -14.97
CA THR A 167 7.91 22.65 -15.06
C THR A 167 8.22 21.16 -15.12
N THR A 168 8.65 20.67 -16.27
CA THR A 168 8.85 19.24 -16.44
C THR A 168 10.32 18.86 -16.38
N THR A 169 10.55 17.61 -15.97
CA THR A 169 11.86 17.00 -15.92
C THR A 169 11.79 15.63 -16.57
N SER A 170 12.94 15.10 -16.98
CA SER A 170 12.99 13.81 -17.63
CA SER A 170 12.95 13.82 -17.65
C SER A 170 12.38 12.71 -16.77
N ASN A 171 12.62 12.75 -15.45
CA ASN A 171 12.09 11.70 -14.58
C ASN A 171 10.67 11.94 -14.13
N GLY A 172 10.04 13.03 -14.57
CA GLY A 172 8.66 13.31 -14.25
C GLY A 172 8.43 13.90 -12.88
N ASN A 173 9.48 14.15 -12.10
CA ASN A 173 9.32 14.46 -10.68
C ASN A 173 9.42 15.96 -10.37
N GLY A 174 9.93 16.78 -11.27
CA GLY A 174 9.73 18.22 -11.14
C GLY A 174 10.29 18.83 -9.88
N ILE A 175 9.49 19.66 -9.24
CA ILE A 175 9.91 20.37 -8.04
C ILE A 175 9.58 19.47 -6.85
N CYS A 176 10.61 19.06 -6.12
CA CYS A 176 10.48 17.98 -5.15
C CYS A 176 10.69 18.39 -3.70
N PHE A 177 11.06 19.63 -3.40
CA PHE A 177 10.98 20.13 -2.04
C PHE A 177 10.71 21.63 -2.09
N VAL A 178 10.03 22.12 -1.06
CA VAL A 178 9.79 23.55 -0.83
C VAL A 178 10.00 23.78 0.65
N VAL A 179 10.92 24.69 1.00
CA VAL A 179 11.25 25.02 2.39
C VAL A 179 11.29 26.52 2.55
N PHE A 180 10.53 27.04 3.50
CA PHE A 180 10.53 28.46 3.83
C PHE A 180 11.62 28.81 4.84
N ASP A 181 12.16 30.03 4.74
CA ASP A 181 12.98 30.61 5.80
C ASP A 181 12.21 31.79 6.38
N PRO A 182 11.53 31.61 7.50
CA PRO A 182 10.64 32.65 8.02
C PRO A 182 11.33 33.80 8.72
N SER A 183 12.67 33.79 8.78
CA SER A 183 13.39 34.98 9.22
C SER A 183 13.25 36.14 8.23
N SER A 184 12.86 35.86 7.01
CA SER A 184 12.71 36.85 5.96
C SER A 184 11.23 37.04 5.70
N VAL A 185 10.70 38.22 6.04
CA VAL A 185 9.25 38.43 6.03
C VAL A 185 8.97 39.88 5.70
N SER A 186 7.87 40.10 5.00
CA SER A 186 7.40 41.45 4.72
CA SER A 186 7.40 41.45 4.68
C SER A 186 5.88 41.40 4.59
N GLY A 187 5.19 42.30 5.26
CA GLY A 187 3.74 42.26 5.22
C GLY A 187 3.16 40.98 5.76
N GLY A 188 3.89 40.30 6.65
CA GLY A 188 3.41 39.04 7.19
C GLY A 188 3.49 37.89 6.22
N VAL A 189 4.28 38.00 5.17
CA VAL A 189 4.41 36.99 4.11
C VAL A 189 5.90 36.61 4.07
N THR A 190 6.22 35.33 4.23
CA THR A 190 7.64 34.94 4.18
C THR A 190 8.20 35.19 2.79
N GLN A 191 9.37 35.82 2.72
CA GLN A 191 9.95 36.22 1.46
C GLN A 191 11.00 35.26 0.95
N THR A 192 11.61 34.44 1.81
CA THR A 192 12.66 33.52 1.38
C THR A 192 12.14 32.10 1.33
N ILE A 193 12.29 31.51 0.15
CA ILE A 193 11.82 30.16 -0.14
C ILE A 193 12.93 29.44 -0.88
N TYR A 194 13.27 28.23 -0.44
CA TYR A 194 14.19 27.35 -1.15
C TYR A 194 13.40 26.24 -1.80
N ILE A 195 13.77 25.89 -3.02
CA ILE A 195 13.15 24.76 -3.71
C ILE A 195 14.22 23.87 -4.31
N GLY A 196 13.85 22.60 -4.49
CA GLY A 196 14.70 21.63 -5.13
C GLY A 196 14.00 21.05 -6.35
N VAL A 197 14.80 20.67 -7.36
CA VAL A 197 14.30 20.15 -8.61
C VAL A 197 14.96 18.80 -8.89
N SER A 198 14.14 17.85 -9.32
CA SER A 198 14.56 16.46 -9.49
C SER A 198 15.13 16.27 -10.89
N ARG A 199 16.33 16.82 -11.10
CA ARG A 199 17.04 16.73 -12.36
C ARG A 199 18.52 16.93 -12.10
N THR A 200 19.34 16.39 -12.99
CA THR A 200 20.76 16.68 -13.01
C THR A 200 21.15 17.34 -14.32
N GLY A 201 22.30 18.01 -14.32
CA GLY A 201 22.81 18.67 -15.51
C GLY A 201 22.22 20.02 -15.79
N ALA A 202 21.36 20.52 -14.91
CA ALA A 202 20.75 21.84 -14.99
C ALA A 202 20.55 22.30 -13.55
N ASN A 203 20.15 23.56 -13.38
CA ASN A 203 20.02 24.08 -12.03
C ASN A 203 18.94 23.31 -11.27
N ASN A 204 19.17 23.08 -9.98
CA ASN A 204 18.28 22.22 -9.23
C ASN A 204 18.14 22.54 -7.74
N ILE A 205 18.77 23.58 -7.23
CA ILE A 205 18.42 24.13 -5.93
C ILE A 205 18.36 25.62 -6.14
N TYR A 206 17.24 26.24 -5.77
CA TYR A 206 17.01 27.66 -6.00
C TYR A 206 16.56 28.35 -4.72
N LYS A 207 16.84 29.65 -4.64
CA LYS A 207 16.44 30.50 -3.54
C LYS A 207 15.69 31.70 -4.10
N SER A 208 14.51 31.99 -3.55
CA SER A 208 13.80 33.23 -3.80
C SER A 208 13.92 34.08 -2.55
N THR A 209 14.04 35.39 -2.73
CA THR A 209 13.98 36.34 -1.63
C THR A 209 12.85 37.33 -1.82
N ASP A 210 11.91 37.06 -2.74
CA ASP A 210 10.80 37.96 -3.01
C ASP A 210 9.48 37.21 -2.93
N GLY A 211 9.40 36.19 -2.10
CA GLY A 211 8.14 35.52 -1.84
C GLY A 211 7.72 34.56 -2.93
N GLY A 212 8.67 34.09 -3.73
CA GLY A 212 8.39 33.10 -4.75
C GLY A 212 8.14 33.63 -6.14
N SER A 213 8.34 34.92 -6.36
CA SER A 213 8.16 35.48 -7.70
CA SER A 213 8.16 35.48 -7.70
C SER A 213 9.35 35.19 -8.61
N THR A 214 10.56 35.30 -8.08
CA THR A 214 11.78 35.02 -8.82
C THR A 214 12.68 34.15 -7.97
N PHE A 215 13.47 33.32 -8.66
CA PHE A 215 14.37 32.39 -8.01
C PHE A 215 15.76 32.47 -8.63
N THR A 216 16.78 32.24 -7.82
CA THR A 216 18.17 32.23 -8.24
C THR A 216 18.75 30.85 -7.94
N ALA A 217 19.45 30.26 -8.91
CA ALA A 217 20.05 28.96 -8.71
C ALA A 217 21.26 29.07 -7.81
N ILE A 218 21.40 28.10 -6.90
CA ILE A 218 22.50 28.10 -5.94
C ILE A 218 23.17 26.75 -5.75
N GLN A 219 22.75 25.69 -6.44
CA GLN A 219 23.28 24.37 -6.07
C GLN A 219 24.79 24.35 -6.28
N PRO A 220 25.51 23.61 -5.41
CA PRO A 220 26.96 23.49 -5.54
C PRO A 220 27.41 22.48 -6.59
N ASP A 221 26.56 21.53 -6.98
CA ASP A 221 26.99 20.47 -7.89
C ASP A 221 25.76 19.84 -8.54
N ASN A 222 25.43 20.26 -9.75
CA ASN A 222 24.26 19.74 -10.44
C ASN A 222 24.44 18.30 -10.97
N SER A 223 25.52 17.61 -10.61
CA SER A 223 25.64 16.18 -10.88
C SER A 223 24.67 15.37 -10.04
N PHE A 224 24.13 15.94 -8.97
CA PHE A 224 23.22 15.27 -8.06
C PHE A 224 21.96 16.09 -7.89
N MET A 225 20.83 15.42 -7.75
CA MET A 225 19.55 16.08 -7.55
C MET A 225 19.12 15.94 -6.10
N PRO A 226 18.56 16.99 -5.53
CA PRO A 226 18.11 16.88 -4.16
C PRO A 226 16.93 15.93 -4.02
N HIS A 227 16.92 15.22 -2.88
CA HIS A 227 15.79 14.41 -2.46
C HIS A 227 14.97 15.11 -1.41
N ARG A 228 15.65 15.58 -0.36
CA ARG A 228 15.00 16.20 0.78
C ARG A 228 15.90 17.30 1.31
N ALA A 229 15.27 18.28 1.96
CA ALA A 229 16.00 19.34 2.62
C ALA A 229 15.23 19.78 3.85
N VAL A 230 15.95 20.31 4.82
CA VAL A 230 15.33 20.78 6.06
C VAL A 230 16.11 21.97 6.57
N LEU A 231 15.40 22.99 7.05
CA LEU A 231 16.01 24.17 7.66
C LEU A 231 15.97 24.01 9.17
N SER A 232 17.11 24.28 9.80
CA SER A 232 17.17 24.28 11.25
C SER A 232 16.19 25.29 11.85
N SER A 233 15.78 25.03 13.08
CA SER A 233 14.78 25.88 13.74
C SER A 233 15.24 27.33 13.83
N ASP A 234 16.53 27.55 14.03
CA ASP A 234 17.06 28.90 14.14
C ASP A 234 17.27 29.58 12.79
N ASN A 235 16.88 28.92 11.70
CA ASN A 235 16.93 29.46 10.35
C ASN A 235 18.34 29.58 9.80
N SER A 236 19.33 29.04 10.49
CA SER A 236 20.71 29.27 10.10
C SER A 236 21.23 28.32 9.05
N THR A 237 20.68 27.12 8.95
CA THR A 237 21.34 26.05 8.21
C THR A 237 20.31 25.18 7.51
N LEU A 238 20.49 25.02 6.20
CA LEU A 238 19.66 24.12 5.39
C LEU A 238 20.48 22.88 5.09
N TYR A 239 19.97 21.71 5.43
CA TYR A 239 20.64 20.44 5.17
C TYR A 239 19.93 19.75 4.03
N VAL A 240 20.72 19.17 3.11
CA VAL A 240 20.18 18.60 1.86
C VAL A 240 20.79 17.23 1.58
N ALA A 241 19.94 16.24 1.34
CA ALA A 241 20.35 14.92 0.87
C ALA A 241 20.12 14.83 -0.62
N MET A 242 21.10 14.32 -1.36
CA MET A 242 21.00 14.24 -2.81
C MET A 242 21.59 12.97 -3.37
N ALA A 243 21.20 12.66 -4.61
CA ALA A 243 21.72 11.49 -5.30
C ALA A 243 21.64 11.72 -6.80
N ASP A 244 22.24 10.81 -7.59
CA ASP A 244 22.26 10.97 -9.04
C ASP A 244 21.01 10.40 -9.71
N GLY A 245 20.11 9.81 -8.93
CA GLY A 245 18.77 9.50 -9.38
C GLY A 245 17.81 9.89 -8.26
N GLU A 246 16.52 9.89 -8.57
CA GLU A 246 15.50 10.40 -7.67
C GLU A 246 15.06 9.38 -6.63
N GLY A 247 15.42 8.11 -6.77
CA GLY A 247 14.97 7.09 -5.86
C GLY A 247 13.53 6.70 -6.15
N PRO A 248 13.00 5.72 -5.39
CA PRO A 248 13.67 5.01 -4.28
C PRO A 248 14.54 3.86 -4.75
N SER A 249 14.33 3.44 -5.99
CA SER A 249 14.89 2.22 -6.55
C SER A 249 15.93 2.51 -7.61
N ASN A 250 16.35 3.76 -7.72
CA ASN A 250 17.45 4.17 -8.56
C ASN A 250 18.30 5.18 -7.79
N GLY A 251 19.46 5.49 -8.35
CA GLY A 251 20.47 6.32 -7.72
C GLY A 251 21.63 5.48 -7.27
N GLY A 252 22.82 5.78 -7.81
CA GLY A 252 24.01 5.00 -7.54
C GLY A 252 25.08 5.73 -6.76
N SER A 253 24.93 7.03 -6.58
CA SER A 253 25.89 7.82 -5.84
CA SER A 253 25.92 7.87 -5.91
C SER A 253 25.21 9.10 -5.40
N GLY A 254 25.81 9.80 -4.45
CA GLY A 254 25.16 10.97 -3.92
C GLY A 254 26.01 11.68 -2.89
N ARG A 255 25.37 12.61 -2.18
CA ARG A 255 26.05 13.55 -1.30
C ARG A 255 25.09 13.99 -0.21
N VAL A 256 25.68 14.55 0.85
CA VAL A 256 24.96 15.37 1.81
C VAL A 256 25.65 16.73 1.84
N TYR A 257 24.86 17.81 1.75
CA TYR A 257 25.38 19.15 1.79
C TYR A 257 24.67 19.93 2.90
N LYS A 258 25.35 20.95 3.37
CA LYS A 258 24.86 21.95 4.33
CA LYS A 258 24.69 21.93 4.19
C LYS A 258 24.99 23.33 3.69
N LEU A 259 23.98 24.18 3.84
CA LEU A 259 24.03 25.58 3.45
C LEU A 259 23.86 26.44 4.69
N VAL A 260 24.86 27.26 4.98
CA VAL A 260 24.76 28.22 6.08
C VAL A 260 24.19 29.49 5.46
N THR A 261 22.96 29.83 5.85
CA THR A 261 22.18 30.81 5.10
C THR A 261 22.73 32.23 5.23
N ALA A 262 23.38 32.57 6.34
CA ALA A 262 23.83 33.95 6.53
C ALA A 262 24.83 34.35 5.46
N THR A 263 25.66 33.42 5.02
CA THR A 263 26.72 33.69 4.05
C THR A 263 26.54 32.86 2.79
N GLY A 264 25.42 32.17 2.63
CA GLY A 264 25.22 31.34 1.47
C GLY A 264 26.28 30.27 1.28
N THR A 265 26.83 29.72 2.36
CA THR A 265 27.98 28.84 2.26
C THR A 265 27.56 27.37 2.21
N TRP A 266 27.95 26.68 1.13
CA TRP A 266 27.72 25.25 1.00
C TRP A 266 28.96 24.48 1.45
N THR A 267 28.73 23.44 2.25
CA THR A 267 29.76 22.49 2.65
C THR A 267 29.31 21.08 2.29
N ASN A 268 30.18 20.34 1.60
CA ASN A 268 29.97 18.91 1.35
C ASN A 268 30.25 18.16 2.63
N ILE A 269 29.21 17.64 3.28
CA ILE A 269 29.31 16.92 4.54
C ILE A 269 28.97 15.44 4.34
N THR A 270 29.19 14.93 3.15
CA THR A 270 28.86 13.53 2.87
C THR A 270 29.60 12.61 3.84
N PRO A 271 28.91 11.75 4.56
CA PRO A 271 29.58 10.92 5.58
C PRO A 271 30.78 10.17 5.03
N ASN A 272 31.95 10.43 5.59
CA ASN A 272 33.18 9.71 5.28
C ASN A 272 33.55 9.80 3.82
N GLY A 273 32.99 10.76 3.09
CA GLY A 273 33.16 10.78 1.66
C GLY A 273 32.70 9.51 0.97
N ASN A 274 31.74 8.78 1.56
CA ASN A 274 31.37 7.50 1.00
C ASN A 274 30.58 7.61 -0.30
N ASN A 275 29.99 8.77 -0.56
CA ASN A 275 29.36 9.08 -1.82
C ASN A 275 28.22 8.13 -2.20
N PHE A 276 27.60 7.50 -1.21
CA PHE A 276 26.37 6.76 -1.45
C PHE A 276 25.26 7.71 -1.90
N PRO A 277 24.22 7.17 -2.55
CA PRO A 277 23.01 7.98 -2.78
C PRO A 277 22.33 8.29 -1.45
N TYR A 278 21.97 9.55 -1.21
CA TYR A 278 21.31 9.94 0.03
C TYR A 278 19.90 10.44 -0.23
N GLY A 279 19.00 10.12 0.72
CA GLY A 279 17.64 10.59 0.65
C GLY A 279 17.11 11.21 1.91
N GLY A 280 17.30 10.57 3.05
CA GLY A 280 16.77 11.09 4.30
C GLY A 280 17.73 12.05 4.97
N VAL A 281 17.19 13.12 5.53
CA VAL A 281 17.94 14.02 6.40
C VAL A 281 17.00 14.60 7.44
N SER A 282 17.51 14.74 8.65
CA SER A 282 16.76 15.35 9.74
C SER A 282 17.71 16.14 10.62
N VAL A 283 17.20 17.23 11.19
CA VAL A 283 17.94 18.06 12.15
C VAL A 283 17.15 18.13 13.44
N ASP A 284 17.85 18.10 14.56
CA ASP A 284 17.22 18.20 15.88
C ASP A 284 16.64 19.61 15.99
N PRO A 285 15.35 19.77 16.26
CA PRO A 285 14.77 21.12 16.37
C PRO A 285 15.38 22.00 17.43
N SER A 286 16.09 21.45 18.39
CA SER A 286 16.71 22.28 19.42
CA SER A 286 16.72 22.26 19.43
C SER A 286 18.22 22.32 19.30
N ASN A 287 18.80 21.77 18.23
CA ASN A 287 20.26 21.78 18.10
C ASN A 287 20.61 21.71 16.62
N THR A 288 20.96 22.86 16.05
CA THR A 288 21.32 22.94 14.63
C THR A 288 22.37 21.94 14.21
N ASN A 289 23.29 21.59 15.10
CA ASN A 289 24.43 20.76 14.74
C ASN A 289 24.17 19.28 14.86
N ARG A 290 23.00 18.86 15.32
CA ARG A 290 22.71 17.46 15.53
C ARG A 290 21.80 17.00 14.40
N ILE A 291 22.36 16.14 13.52
CA ILE A 291 21.72 15.74 12.28
C ILE A 291 21.86 14.24 12.11
N ILE A 292 20.99 13.68 11.27
CA ILE A 292 21.04 12.28 10.90
C ILE A 292 20.59 12.16 9.47
N VAL A 293 21.20 11.23 8.74
CA VAL A 293 20.89 11.00 7.33
C VAL A 293 20.76 9.52 7.09
N SER A 294 20.06 9.18 6.01
CA SER A 294 19.95 7.82 5.54
C SER A 294 20.20 7.78 4.04
N THR A 295 20.91 6.74 3.61
CA THR A 295 21.05 6.49 2.20
C THR A 295 19.73 5.98 1.65
N GLU A 296 19.58 6.06 0.32
CA GLU A 296 18.36 5.61 -0.36
C GLU A 296 18.79 4.89 -1.61
N ASN A 297 18.48 3.60 -1.68
CA ASN A 297 18.91 2.72 -2.76
C ASN A 297 20.35 2.23 -2.65
N ALA A 298 20.93 2.28 -1.44
CA ALA A 298 22.15 1.54 -1.17
C ALA A 298 21.78 0.19 -0.56
N TRP A 299 22.65 -0.79 -0.76
CA TRP A 299 22.34 -2.16 -0.42
C TRP A 299 23.48 -2.88 0.26
N SER A 300 24.61 -2.21 0.53
CA SER A 300 25.82 -2.87 0.96
C SER A 300 26.01 -2.82 2.47
N ASN A 301 25.00 -2.41 3.22
CA ASN A 301 25.04 -2.47 4.68
C ASN A 301 24.41 -3.77 5.14
N ASN A 302 25.20 -4.64 5.78
CA ASN A 302 24.71 -5.94 6.26
C ASN A 302 24.06 -5.75 7.62
N GLN A 303 22.90 -5.11 7.60
CA GLN A 303 22.20 -4.74 8.82
C GLN A 303 21.95 -5.95 9.69
N PHE A 304 22.27 -5.80 10.98
CA PHE A 304 22.03 -6.81 11.99
C PHE A 304 22.82 -8.08 11.75
N GLY A 305 23.71 -8.09 10.76
CA GLY A 305 24.33 -9.31 10.29
C GLY A 305 23.39 -10.25 9.56
N ALA A 306 22.18 -9.79 9.21
CA ALA A 306 21.12 -10.68 8.77
C ALA A 306 20.48 -10.30 7.46
N THR A 307 20.69 -9.09 6.95
CA THR A 307 20.01 -8.60 5.77
C THR A 307 20.88 -7.53 5.13
N TRP A 308 20.42 -6.97 4.02
CA TRP A 308 21.18 -5.98 3.28
C TRP A 308 20.29 -4.80 2.94
N GLY A 309 20.82 -3.59 3.12
CA GLY A 309 20.05 -2.41 2.81
C GLY A 309 20.84 -1.15 3.00
N ASP A 310 20.13 -0.07 3.32
CA ASP A 310 20.66 1.27 3.42
C ASP A 310 21.44 1.48 4.73
N PHE A 311 22.09 2.63 4.79
CA PHE A 311 22.90 3.07 5.90
C PHE A 311 22.25 4.25 6.61
N VAL A 312 22.60 4.45 7.88
CA VAL A 312 22.20 5.61 8.67
C VAL A 312 23.45 6.17 9.33
N PHE A 313 23.65 7.48 9.22
CA PHE A 313 24.79 8.15 9.82
C PHE A 313 24.31 9.35 10.63
N PHE A 314 24.92 9.54 11.79
CA PHE A 314 24.59 10.59 12.75
C PHE A 314 25.79 11.52 12.94
N SER A 315 25.51 12.80 13.12
CA SER A 315 26.56 13.76 13.47
C SER A 315 26.06 14.73 14.53
N ALA A 316 26.95 15.07 15.46
CA ALA A 316 26.66 16.08 16.47
C ALA A 316 27.36 17.40 16.19
N ASN A 317 28.12 17.50 15.11
CA ASN A 317 28.92 18.68 14.81
C ASN A 317 28.62 19.18 13.42
N GLY A 318 27.36 19.11 13.02
CA GLY A 318 26.96 19.71 11.78
C GLY A 318 27.50 19.03 10.56
N GLY A 319 27.85 17.76 10.66
CA GLY A 319 28.34 17.01 9.54
C GLY A 319 29.83 17.00 9.37
N ASN A 320 30.58 17.54 10.32
CA ASN A 320 32.04 17.47 10.21
C ASN A 320 32.55 16.06 10.39
N THR A 321 32.01 15.32 11.33
CA THR A 321 32.28 13.89 11.45
C THR A 321 30.97 13.18 11.74
N TRP A 322 30.97 11.87 11.48
CA TRP A 322 29.78 11.07 11.55
C TRP A 322 30.07 9.73 12.21
N THR A 323 29.03 9.16 12.80
CA THR A 323 29.07 7.79 13.28
CA THR A 323 29.02 7.82 13.36
C THR A 323 27.90 7.02 12.70
N GLN A 324 28.17 5.79 12.31
CA GLN A 324 27.14 4.93 11.79
C GLN A 324 26.18 4.57 12.92
N LYS A 325 24.89 4.49 12.59
CA LYS A 325 23.88 4.11 13.58
C LYS A 325 23.02 2.93 13.15
N LEU A 326 23.34 2.34 12.01
CA LEU A 326 22.72 1.11 11.54
C LEU A 326 23.82 0.32 10.87
N SER A 327 24.08 -0.89 11.36
CA SER A 327 25.18 -1.67 10.85
C SER A 327 24.98 -3.12 11.27
N SER A 328 26.02 -3.93 11.04
CA SER A 328 25.96 -5.32 11.44
C SER A 328 25.91 -5.48 12.95
N THR A 329 26.30 -4.47 13.73
CA THR A 329 26.21 -4.57 15.18
C THR A 329 24.85 -4.17 15.72
N SER A 330 23.98 -3.61 14.89
CA SER A 330 22.64 -3.27 15.33
C SER A 330 21.83 -4.53 15.56
N THR A 331 20.73 -4.40 16.28
CA THR A 331 19.78 -5.47 16.46
C THR A 331 18.41 -5.02 15.98
N LEU A 332 17.65 -6.00 15.49
CA LEU A 332 16.30 -5.80 15.03
C LEU A 332 15.33 -6.30 16.09
N ASN A 333 14.53 -5.38 16.64
CA ASN A 333 13.44 -5.69 17.55
C ASN A 333 12.18 -5.90 16.70
N THR A 334 11.77 -7.16 16.58
CA THR A 334 10.63 -7.47 15.75
C THR A 334 9.30 -7.03 16.34
N ASN A 335 9.28 -6.59 17.60
CA ASN A 335 8.07 -6.13 18.26
C ASN A 335 6.95 -7.14 18.13
N GLY A 336 7.30 -8.40 18.26
CA GLY A 336 6.31 -9.46 18.24
C GLY A 336 5.84 -9.82 16.86
N ILE A 337 6.47 -9.29 15.82
CA ILE A 337 6.13 -9.58 14.43
C ILE A 337 7.23 -10.44 13.85
N GLY A 338 7.12 -11.75 14.01
CA GLY A 338 8.28 -12.60 13.78
C GLY A 338 8.74 -12.69 12.35
N TRP A 339 7.83 -12.51 11.38
CA TRP A 339 8.21 -12.73 9.99
C TRP A 339 9.20 -11.70 9.47
N ILE A 340 9.35 -10.54 10.13
CA ILE A 340 10.26 -9.51 9.64
C ILE A 340 11.72 -9.87 9.85
N ALA A 341 12.02 -10.88 10.67
CA ALA A 341 13.41 -11.27 10.83
C ALA A 341 13.99 -11.68 9.48
N GLY A 342 15.21 -11.22 9.18
CA GLY A 342 15.83 -11.43 7.89
C GLY A 342 15.54 -10.36 6.88
N ARG A 343 14.67 -9.41 7.21
CA ARG A 343 14.38 -8.25 6.40
C ARG A 343 14.94 -7.00 7.07
N GLY A 344 14.96 -5.90 6.34
CA GLY A 344 15.55 -4.70 6.87
C GLY A 344 15.13 -3.44 6.19
N ILE A 345 15.97 -2.43 6.37
CA ILE A 345 15.68 -1.05 6.03
C ILE A 345 16.26 -0.77 4.66
N HIS A 346 15.40 -0.51 3.68
CA HIS A 346 15.86 -0.21 2.33
C HIS A 346 14.92 0.82 1.74
N TRP A 347 15.40 1.50 0.70
CA TRP A 347 14.68 2.64 0.12
C TRP A 347 14.48 3.74 1.16
N ALA A 348 15.48 3.98 2.00
CA ALA A 348 15.33 4.83 3.20
C ALA A 348 15.41 6.33 2.85
N GLY A 349 14.42 6.78 2.11
CA GLY A 349 14.37 8.15 1.62
C GLY A 349 13.79 9.19 2.55
N SER A 350 13.60 8.88 3.83
CA SER A 350 13.07 9.80 4.82
C SER A 350 13.48 9.30 6.19
N ILE A 351 14.02 10.18 7.02
CA ILE A 351 14.45 9.85 8.37
C ILE A 351 14.08 11.05 9.22
N ASP A 352 13.74 10.82 10.49
CA ASP A 352 13.16 11.89 11.30
C ASP A 352 13.51 11.71 12.77
N PHE A 353 14.18 12.69 13.36
CA PHE A 353 14.26 12.75 14.81
C PHE A 353 12.86 13.03 15.39
N ASP A 354 12.46 12.25 16.37
CA ASP A 354 11.20 12.55 17.06
C ASP A 354 11.33 13.88 17.77
N PRO A 355 10.45 14.86 17.51
CA PRO A 355 10.66 16.16 18.15
C PRO A 355 10.49 16.14 19.65
N LEU A 356 9.64 15.26 20.18
CA LEU A 356 9.46 15.22 21.63
C LEU A 356 10.69 14.68 22.34
N ASN A 357 11.42 13.74 21.73
CA ASN A 357 12.67 13.22 22.30
C ASN A 357 13.57 12.84 21.15
N THR A 358 14.55 13.69 20.87
CA THR A 358 15.42 13.47 19.72
C THR A 358 16.50 12.44 19.95
N ALA A 359 16.44 11.71 21.07
CA ALA A 359 17.13 10.44 21.15
C ALA A 359 16.49 9.38 20.25
N ARG A 360 15.25 9.61 19.83
CA ARG A 360 14.50 8.64 19.04
C ARG A 360 14.48 9.07 17.58
N VAL A 361 14.59 8.07 16.70
CA VAL A 361 14.64 8.29 15.26
C VAL A 361 13.74 7.28 14.56
N ARG A 362 12.97 7.75 13.58
CA ARG A 362 12.18 6.90 12.70
C ARG A 362 12.77 6.98 11.30
N VAL A 363 12.76 5.86 10.59
CA VAL A 363 13.23 5.80 9.21
C VAL A 363 12.24 4.97 8.39
N ILE A 364 12.02 5.38 7.15
CA ILE A 364 11.13 4.63 6.26
C ILE A 364 11.88 3.45 5.64
N SER A 365 11.07 2.53 5.10
CA SER A 365 11.60 1.40 4.39
C SER A 365 10.54 0.92 3.40
N GLY A 366 10.97 0.15 2.39
CA GLY A 366 10.05 -0.48 1.46
C GLY A 366 9.10 -1.46 2.11
N ASN A 367 9.35 -1.83 3.36
CA ASN A 367 8.48 -2.75 4.09
C ASN A 367 7.86 -2.14 5.34
N GLY A 368 7.98 -0.84 5.56
CA GLY A 368 7.30 -0.22 6.67
C GLY A 368 8.09 0.95 7.25
N ILE A 369 8.15 1.00 8.57
CA ILE A 369 8.84 2.06 9.32
CA ILE A 369 8.88 2.05 9.27
C ILE A 369 9.57 1.40 10.47
N PHE A 370 10.78 1.84 10.72
CA PHE A 370 11.59 1.32 11.81
C PHE A 370 11.95 2.48 12.74
N THR A 371 11.98 2.21 14.04
CA THR A 371 12.23 3.23 15.03
C THR A 371 13.33 2.79 15.96
N CYS A 372 14.31 3.67 16.14
CA CYS A 372 15.38 3.49 17.12
C CYS A 372 15.07 4.43 18.28
N ASP A 373 14.65 3.88 19.41
CA ASP A 373 14.29 4.72 20.55
C ASP A 373 15.49 5.26 21.32
N ASP A 374 16.70 4.75 21.04
CA ASP A 374 17.91 5.24 21.69
C ASP A 374 19.04 5.27 20.68
N ILE A 375 19.13 6.38 19.94
CA ILE A 375 20.14 6.54 18.92
C ILE A 375 21.53 6.72 19.52
N ASN A 376 21.61 6.96 20.83
CA ASN A 376 22.89 7.14 21.50
C ASN A 376 23.54 5.83 21.89
N ALA A 377 22.84 4.71 21.81
CA ALA A 377 23.41 3.43 22.19
C ALA A 377 24.55 3.05 21.25
N SER A 378 25.49 2.26 21.78
CA SER A 378 26.61 1.78 20.98
C SER A 378 26.14 0.77 19.93
N ALA A 379 25.32 -0.17 20.34
CA ALA A 379 24.72 -1.14 19.44
C ALA A 379 23.25 -0.77 19.39
N THR A 380 22.84 -0.15 18.29
CA THR A 380 21.49 0.37 18.22
C THR A 380 20.49 -0.74 17.98
N SER A 381 19.28 -0.53 18.50
CA SER A 381 18.15 -1.42 18.33
C SER A 381 17.08 -0.70 17.53
N TRP A 382 16.70 -1.29 16.41
CA TRP A 382 15.69 -0.74 15.51
C TRP A 382 14.46 -1.63 15.59
N LYS A 383 13.32 -1.04 15.88
CA LYS A 383 12.06 -1.76 16.07
C LYS A 383 11.21 -1.64 14.82
N PHE A 384 10.61 -2.75 14.39
CA PHE A 384 9.66 -2.75 13.29
C PHE A 384 8.34 -2.16 13.82
N ASP A 385 8.14 -0.87 13.59
CA ASP A 385 7.21 -0.07 14.38
C ASP A 385 5.96 0.24 13.58
N VAL A 386 5.17 -0.80 13.33
CA VAL A 386 4.11 -0.77 12.33
C VAL A 386 2.74 -1.17 12.88
N LYS A 387 2.55 -1.19 14.20
CA LYS A 387 1.22 -1.51 14.71
C LYS A 387 0.20 -0.50 14.17
N GLY A 388 -0.93 -1.01 13.68
CA GLY A 388 -1.96 -0.19 13.07
C GLY A 388 -1.77 0.08 11.59
N MET A 389 -0.59 -0.17 11.07
CA MET A 389 -0.28 0.06 9.68
C MET A 389 -0.31 -1.26 8.91
N GLU A 390 -1.05 -1.28 7.79
CA GLU A 390 -1.05 -2.42 6.88
C GLU A 390 -1.05 -1.84 5.49
N GLU A 391 -0.06 -2.22 4.68
N GLU A 391 -0.05 -2.22 4.69
CA GLU A 391 0.10 -1.63 3.36
CA GLU A 391 0.14 -1.64 3.37
C GLU A 391 0.18 -2.64 2.22
C GLU A 391 0.52 -2.70 2.33
N THR A 392 0.08 -3.93 2.52
CA THR A 392 0.24 -4.92 1.48
C THR A 392 -0.90 -4.95 0.47
N VAL A 393 -0.58 -5.52 -0.68
CA VAL A 393 -1.50 -5.78 -1.77
C VAL A 393 -1.78 -7.28 -1.74
N VAL A 394 -2.97 -7.64 -1.27
CA VAL A 394 -3.36 -9.03 -1.07
C VAL A 394 -4.07 -9.52 -2.31
N LEU A 395 -3.70 -10.70 -2.77
CA LEU A 395 -4.12 -11.20 -4.08
C LEU A 395 -5.09 -12.37 -4.03
N ASP A 396 -5.08 -13.18 -2.98
CA ASP A 396 -6.03 -14.28 -2.85
C ASP A 396 -6.01 -14.70 -1.39
N ALA A 397 -6.99 -15.51 -1.01
CA ALA A 397 -7.05 -16.04 0.35
C ALA A 397 -8.06 -17.19 0.38
N ILE A 398 -7.99 -17.98 1.46
CA ILE A 398 -8.95 -19.04 1.74
C ILE A 398 -9.27 -19.03 3.22
N SER A 399 -10.52 -19.40 3.52
CA SER A 399 -10.99 -19.63 4.88
C SER A 399 -11.47 -21.07 4.98
N ILE A 400 -10.80 -21.86 5.80
CA ILE A 400 -11.05 -23.30 5.88
C ILE A 400 -12.01 -23.54 7.04
N PRO A 401 -13.16 -24.18 6.81
CA PRO A 401 -14.05 -24.51 7.92
C PRO A 401 -13.34 -25.42 8.91
N GLY A 402 -13.34 -25.02 10.17
CA GLY A 402 -12.63 -25.76 11.21
C GLY A 402 -11.13 -25.65 11.15
N GLY A 403 -10.59 -24.85 10.24
CA GLY A 403 -9.16 -24.72 10.05
C GLY A 403 -8.73 -23.28 9.96
N SER A 404 -7.59 -23.09 9.33
CA SER A 404 -6.94 -21.80 9.30
C SER A 404 -7.50 -20.88 8.21
N PHE A 405 -7.16 -19.60 8.36
CA PHE A 405 -7.29 -18.61 7.30
C PHE A 405 -5.90 -18.45 6.68
N ILE A 406 -5.79 -18.47 5.36
CA ILE A 406 -4.49 -18.41 4.71
C ILE A 406 -4.52 -17.36 3.61
N SER A 407 -3.55 -16.46 3.62
CA SER A 407 -3.48 -15.38 2.64
C SER A 407 -2.40 -15.62 1.60
N ALA A 408 -2.59 -15.01 0.43
CA ALA A 408 -1.63 -14.99 -0.67
C ALA A 408 -1.39 -13.52 -0.99
N VAL A 409 -0.18 -13.04 -0.75
CA VAL A 409 0.10 -11.61 -0.67
C VAL A 409 1.26 -11.24 -1.57
N GLY A 410 1.16 -10.08 -2.20
CA GLY A 410 2.29 -9.55 -2.95
C GLY A 410 3.40 -9.10 -2.01
N ASP A 411 4.65 -9.37 -2.42
CA ASP A 411 5.86 -8.89 -1.80
C ASP A 411 6.18 -9.58 -0.48
N GLN A 412 5.19 -9.74 0.41
CA GLN A 412 5.40 -10.37 1.70
C GLN A 412 4.76 -11.77 1.77
N PHE A 413 4.23 -12.26 0.66
CA PHE A 413 4.00 -13.69 0.43
C PHE A 413 2.69 -14.21 1.01
N GLY A 414 2.41 -13.91 2.27
CA GLY A 414 1.20 -14.37 2.95
C GLY A 414 1.54 -15.25 4.12
N ALA A 415 0.48 -15.57 4.90
CA ALA A 415 0.70 -16.34 6.12
C ALA A 415 -0.51 -17.22 6.40
N VAL A 416 -0.30 -18.15 7.35
CA VAL A 416 -1.31 -19.05 7.87
C VAL A 416 -1.72 -18.56 9.24
N TYR A 417 -3.02 -18.38 9.47
CA TYR A 417 -3.52 -17.78 10.69
C TYR A 417 -4.48 -18.70 11.42
N SER A 418 -4.18 -18.99 12.68
CA SER A 418 -5.21 -19.48 13.61
C SER A 418 -5.96 -18.33 14.28
N ASN A 419 -5.39 -17.12 14.26
CA ASN A 419 -6.05 -15.92 14.76
C ASN A 419 -5.63 -14.82 13.79
N VAL A 420 -6.59 -14.34 12.98
CA VAL A 420 -6.25 -13.37 11.96
C VAL A 420 -5.76 -12.05 12.53
N TYR A 421 -5.97 -11.82 13.82
CA TYR A 421 -5.53 -10.60 14.48
C TYR A 421 -4.18 -10.74 15.17
N ALA A 422 -3.53 -11.89 15.05
CA ALA A 422 -2.20 -12.13 15.59
C ALA A 422 -1.17 -12.01 14.48
N TYR A 423 -0.04 -11.40 14.80
CA TYR A 423 1.00 -11.21 13.78
C TYR A 423 1.73 -12.51 13.49
N PRO A 424 1.97 -12.84 12.23
CA PRO A 424 2.63 -14.10 11.89
C PRO A 424 4.10 -14.17 12.30
N ALA A 425 4.49 -15.35 12.76
CA ALA A 425 5.89 -15.66 12.99
C ALA A 425 6.65 -15.91 11.70
N LYS A 426 5.95 -16.30 10.65
CA LYS A 426 6.56 -16.69 9.39
C LYS A 426 5.59 -16.37 8.26
N VAL A 427 6.14 -16.14 7.08
CA VAL A 427 5.36 -16.02 5.85
C VAL A 427 5.72 -17.18 4.94
N HIS A 428 4.89 -17.42 3.92
CA HIS A 428 5.06 -18.63 3.12
C HIS A 428 6.40 -18.66 2.41
N THR A 429 7.15 -19.73 2.58
CA THR A 429 8.39 -19.92 1.83
C THR A 429 8.46 -21.34 1.31
N PRO A 430 9.13 -21.54 0.16
CA PRO A 430 9.70 -20.53 -0.73
C PRO A 430 8.65 -19.74 -1.47
N THR A 431 8.90 -18.45 -1.70
CA THR A 431 8.09 -17.65 -2.59
C THR A 431 9.03 -16.74 -3.40
N VAL A 432 8.72 -16.55 -4.68
CA VAL A 432 9.39 -15.54 -5.49
C VAL A 432 8.41 -14.40 -5.71
N THR A 433 8.62 -13.27 -5.04
CA THR A 433 7.90 -12.01 -5.20
C THR A 433 6.51 -12.03 -4.56
N SER A 434 5.68 -13.01 -4.91
CA SER A 434 4.28 -12.98 -4.49
CA SER A 434 4.30 -12.99 -4.45
C SER A 434 3.71 -14.39 -4.58
N ASN A 435 2.64 -14.62 -3.83
CA ASN A 435 1.73 -15.71 -4.10
C ASN A 435 0.43 -15.08 -4.61
N ASN A 436 -0.10 -15.62 -5.70
CA ASN A 436 -1.21 -14.96 -6.40
C ASN A 436 -2.45 -15.83 -6.46
N GLY A 437 -2.36 -17.08 -6.05
CA GLY A 437 -3.48 -18.01 -6.04
C GLY A 437 -3.28 -18.98 -4.91
N ILE A 438 -4.40 -19.44 -4.35
CA ILE A 438 -4.34 -20.42 -3.27
C ILE A 438 -5.65 -21.17 -3.27
N ALA A 439 -5.61 -22.43 -2.83
CA ALA A 439 -6.78 -23.28 -2.78
C ALA A 439 -6.59 -24.36 -1.74
N TYR A 440 -7.70 -24.90 -1.25
CA TYR A 440 -7.66 -26.06 -0.37
C TYR A 440 -8.73 -27.03 -0.83
N ALA A 441 -8.59 -28.29 -0.40
CA ALA A 441 -9.53 -29.35 -0.75
C ALA A 441 -10.64 -29.43 0.28
N ALA A 442 -11.89 -29.24 -0.18
CA ALA A 442 -13.02 -29.10 0.74
C ALA A 442 -13.20 -30.32 1.65
N ASN A 443 -12.94 -31.52 1.15
CA ASN A 443 -13.06 -32.73 1.93
C ASN A 443 -11.72 -33.36 2.26
N ASN A 444 -10.65 -32.57 2.23
CA ASN A 444 -9.33 -33.03 2.63
C ASN A 444 -8.57 -31.79 3.03
N VAL A 445 -8.98 -31.16 4.13
CA VAL A 445 -8.62 -29.77 4.38
C VAL A 445 -7.18 -29.58 4.80
N SER A 446 -6.42 -30.66 5.01
CA SER A 446 -4.99 -30.53 5.22
CA SER A 446 -4.99 -30.51 5.22
C SER A 446 -4.26 -30.21 3.93
N LYS A 447 -4.90 -30.42 2.78
CA LYS A 447 -4.25 -30.24 1.49
CA LYS A 447 -4.26 -30.24 1.49
C LYS A 447 -4.52 -28.83 0.98
N VAL A 448 -3.43 -28.07 0.79
CA VAL A 448 -3.45 -26.70 0.32
C VAL A 448 -2.43 -26.57 -0.81
N VAL A 449 -2.71 -25.70 -1.77
CA VAL A 449 -1.78 -25.41 -2.86
C VAL A 449 -1.76 -23.90 -3.08
N ARG A 450 -0.57 -23.37 -3.40
CA ARG A 450 -0.42 -21.95 -3.70
C ARG A 450 0.44 -21.78 -4.95
N ALA A 451 0.26 -20.63 -5.62
CA ALA A 451 0.95 -20.34 -6.87
C ALA A 451 1.84 -19.11 -6.75
N THR A 452 3.15 -19.34 -6.82
CA THR A 452 4.16 -18.30 -6.98
C THR A 452 4.85 -18.57 -8.33
N ASP A 453 6.19 -18.46 -8.41
CA ASP A 453 6.86 -18.83 -9.66
C ASP A 453 6.58 -20.28 -10.02
N GLN A 454 6.39 -21.11 -9.00
CA GLN A 454 6.00 -22.50 -9.13
C GLN A 454 4.80 -22.73 -8.23
N LEU A 455 4.13 -23.85 -8.43
CA LEU A 455 3.15 -24.31 -7.47
C LEU A 455 3.82 -25.00 -6.31
N TYR A 456 3.28 -24.77 -5.12
CA TYR A 456 3.71 -25.44 -3.89
C TYR A 456 2.51 -26.09 -3.23
N TYR A 457 2.68 -27.35 -2.86
CA TYR A 457 1.67 -28.13 -2.18
C TYR A 457 2.03 -28.29 -0.72
N SER A 458 1.00 -28.36 0.12
CA SER A 458 1.16 -28.63 1.54
C SER A 458 0.21 -29.74 1.94
N THR A 459 0.68 -30.60 2.83
CA THR A 459 -0.13 -31.67 3.41
CA THR A 459 -0.14 -31.67 3.41
C THR A 459 -0.45 -31.41 4.88
N ASP A 460 -0.09 -30.25 5.39
CA ASP A 460 -0.30 -29.89 6.80
C ASP A 460 -0.94 -28.52 6.90
N GLN A 461 -1.87 -28.24 5.98
CA GLN A 461 -2.68 -27.03 6.00
C GLN A 461 -1.82 -25.79 6.01
N GLY A 462 -0.75 -25.81 5.21
CA GLY A 462 0.05 -24.64 4.96
C GLY A 462 1.28 -24.47 5.83
N ALA A 463 1.53 -25.36 6.77
CA ALA A 463 2.70 -25.20 7.62
C ALA A 463 4.01 -25.44 6.86
N THR A 464 4.04 -26.44 5.99
CA THR A 464 5.21 -26.72 5.18
C THR A 464 4.78 -26.96 3.73
N TRP A 465 5.74 -26.83 2.83
CA TRP A 465 5.45 -26.80 1.40
C TRP A 465 6.45 -27.64 0.63
N THR A 466 6.00 -28.19 -0.51
CA THR A 466 6.84 -28.92 -1.45
C THR A 466 6.49 -28.45 -2.85
N ALA A 467 7.50 -28.13 -3.65
CA ALA A 467 7.24 -27.70 -5.02
C ALA A 467 6.62 -28.82 -5.84
N ALA A 468 5.68 -28.47 -6.71
CA ALA A 468 5.22 -29.38 -7.74
C ALA A 468 6.41 -29.84 -8.57
N ALA A 469 6.36 -31.09 -9.03
CA ALA A 469 7.43 -31.58 -9.88
C ALA A 469 7.57 -30.72 -11.14
N SER A 470 6.45 -30.26 -11.68
CA SER A 470 6.45 -29.30 -12.78
C SER A 470 5.29 -28.33 -12.60
N THR A 471 5.49 -27.09 -13.03
CA THR A 471 4.43 -26.08 -13.06
C THR A 471 4.21 -25.72 -14.53
N ILE A 472 3.14 -26.24 -15.12
CA ILE A 472 2.91 -26.07 -16.56
C ILE A 472 2.66 -24.61 -16.90
N GLY A 473 3.21 -24.18 -18.03
CA GLY A 473 2.87 -22.87 -18.61
C GLY A 473 3.59 -21.69 -18.03
N GLY A 474 3.54 -21.54 -16.72
CA GLY A 474 4.04 -20.37 -16.05
C GLY A 474 3.48 -20.31 -14.66
N GLY A 475 4.02 -19.39 -13.87
CA GLY A 475 3.62 -19.25 -12.49
C GLY A 475 2.47 -18.28 -12.28
N TYR A 476 2.16 -18.09 -11.01
CA TYR A 476 1.34 -17.01 -10.51
C TYR A 476 -0.14 -17.09 -10.87
N GLY A 477 -0.63 -18.22 -11.37
CA GLY A 477 -2.02 -18.32 -11.75
C GLY A 477 -2.95 -18.67 -10.62
N LYS A 478 -4.24 -18.64 -10.95
CA LYS A 478 -5.32 -19.06 -10.05
C LYS A 478 -5.49 -20.57 -10.15
N ILE A 479 -6.04 -21.14 -9.08
CA ILE A 479 -5.92 -22.57 -8.83
C ILE A 479 -7.13 -23.07 -8.05
N ALA A 480 -7.44 -24.34 -8.25
CA ALA A 480 -8.49 -25.04 -7.51
C ALA A 480 -8.04 -26.46 -7.21
N LEU A 481 -8.44 -26.97 -6.05
CA LEU A 481 -8.29 -28.36 -5.69
C LEU A 481 -9.67 -29.01 -5.64
N SER A 482 -9.78 -30.21 -6.21
CA SER A 482 -11.02 -30.96 -6.08
C SER A 482 -11.32 -31.22 -4.60
N ALA A 483 -12.59 -31.53 -4.30
CA ALA A 483 -12.97 -31.74 -2.91
C ALA A 483 -12.15 -32.84 -2.26
N ASP A 484 -11.79 -33.89 -3.00
CA ASP A 484 -10.98 -34.97 -2.44
C ASP A 484 -9.49 -34.65 -2.40
N GLY A 485 -9.08 -33.52 -2.97
CA GLY A 485 -7.70 -33.10 -2.97
C GLY A 485 -6.83 -33.74 -4.04
N ASN A 486 -7.36 -34.64 -4.83
CA ASN A 486 -6.52 -35.42 -5.74
C ASN A 486 -6.29 -34.74 -7.08
N THR A 487 -7.15 -33.83 -7.50
CA THR A 487 -6.97 -33.11 -8.76
C THR A 487 -6.77 -31.62 -8.51
N THR A 488 -5.83 -31.04 -9.24
CA THR A 488 -5.59 -29.61 -9.28
C THR A 488 -5.96 -29.08 -10.65
N LEU A 489 -6.69 -27.98 -10.70
CA LEU A 489 -6.87 -27.21 -11.92
C LEU A 489 -6.12 -25.90 -11.79
N TYR A 490 -5.46 -25.48 -12.87
CA TYR A 490 -4.55 -24.35 -12.82
C TYR A 490 -4.52 -23.63 -14.15
N CYS A 491 -4.61 -22.31 -14.11
CA CYS A 491 -4.46 -21.50 -15.31
C CYS A 491 -3.31 -20.54 -15.04
N PRO A 492 -2.15 -20.69 -15.68
CA PRO A 492 -1.04 -19.77 -15.43
C PRO A 492 -1.44 -18.32 -15.66
N SER A 493 -0.84 -17.42 -14.91
CA SER A 493 -1.15 -16.01 -15.08
C SER A 493 -0.75 -15.53 -16.46
N GLY A 494 -1.62 -14.73 -17.05
CA GLY A 494 -1.40 -14.17 -18.36
C GLY A 494 -1.63 -15.12 -19.51
N GLN A 495 -2.13 -16.32 -19.26
CA GLN A 495 -2.35 -17.35 -20.27
C GLN A 495 -3.84 -17.72 -20.25
N SER A 496 -4.28 -18.44 -21.28
CA SER A 496 -5.70 -18.69 -21.49
CA SER A 496 -5.70 -18.69 -21.47
C SER A 496 -6.09 -20.17 -21.44
N THR A 497 -5.16 -21.06 -21.09
CA THR A 497 -5.47 -22.47 -20.98
C THR A 497 -5.42 -22.91 -19.52
N THR A 498 -6.48 -23.59 -19.12
CA THR A 498 -6.54 -24.23 -17.81
C THR A 498 -6.16 -25.69 -18.00
N TYR A 499 -5.31 -26.17 -17.12
CA TYR A 499 -4.79 -27.53 -17.13
C TYR A 499 -5.23 -28.24 -15.86
N TYR A 500 -5.26 -29.57 -15.93
CA TYR A 500 -5.52 -30.38 -14.76
C TYR A 500 -4.38 -31.37 -14.49
N SER A 501 -4.17 -31.68 -13.22
CA SER A 501 -3.20 -32.69 -12.79
C SER A 501 -3.84 -33.57 -11.73
N THR A 502 -3.58 -34.88 -11.82
CA THR A 502 -4.07 -35.84 -10.84
C THR A 502 -2.96 -36.33 -9.91
N ASP A 503 -1.81 -35.66 -9.92
CA ASP A 503 -0.64 -36.14 -9.19
C ASP A 503 0.21 -34.98 -8.68
N ASN A 504 -0.42 -33.91 -8.26
CA ASN A 504 0.29 -32.77 -7.68
C ASN A 504 1.33 -32.21 -8.64
N GLY A 505 0.96 -32.12 -9.93
CA GLY A 505 1.85 -31.53 -10.90
C GLY A 505 2.96 -32.41 -11.42
N GLY A 506 2.94 -33.71 -11.12
CA GLY A 506 3.84 -34.61 -11.81
C GLY A 506 3.58 -34.68 -13.31
N SER A 507 2.30 -34.54 -13.70
CA SER A 507 1.90 -34.46 -15.09
C SER A 507 0.71 -33.51 -15.18
N TRP A 508 0.58 -32.86 -16.33
CA TRP A 508 -0.50 -31.93 -16.62
C TRP A 508 -1.12 -32.26 -17.97
N THR A 509 -2.39 -31.91 -18.11
CA THR A 509 -3.15 -32.08 -19.35
C THR A 509 -4.09 -30.90 -19.50
N SER A 510 -4.27 -30.41 -20.72
CA SER A 510 -5.23 -29.34 -20.95
C SER A 510 -6.64 -29.84 -20.67
N THR A 511 -7.43 -28.98 -20.02
CA THR A 511 -8.85 -29.23 -19.82
C THR A 511 -9.66 -29.03 -21.09
N GLY A 512 -9.04 -28.52 -22.15
CA GLY A 512 -9.77 -28.08 -23.32
C GLY A 512 -10.29 -26.67 -23.25
N VAL A 513 -10.17 -26.01 -22.11
CA VAL A 513 -10.57 -24.61 -22.00
C VAL A 513 -9.32 -23.80 -22.32
N THR A 514 -9.29 -23.22 -23.52
CA THR A 514 -8.12 -22.53 -24.05
C THR A 514 -8.41 -21.07 -24.35
N THR A 515 -9.59 -20.57 -23.98
CA THR A 515 -10.01 -19.24 -24.38
C THR A 515 -10.45 -18.39 -23.20
N VAL A 516 -9.97 -18.69 -21.99
CA VAL A 516 -10.31 -17.91 -20.81
C VAL A 516 -9.01 -17.39 -20.20
N GLN A 517 -8.65 -16.16 -20.52
CA GLN A 517 -7.44 -15.56 -20.00
CA GLN A 517 -7.43 -15.60 -20.00
C GLN A 517 -7.54 -15.38 -18.50
N ASP A 518 -6.49 -15.77 -17.77
CA ASP A 518 -6.49 -15.63 -16.31
C ASP A 518 -7.74 -16.23 -15.69
N ALA A 519 -8.06 -17.43 -16.14
CA ALA A 519 -9.19 -18.15 -15.60
C ALA A 519 -9.03 -18.39 -14.10
N CYS A 520 -10.17 -18.38 -13.42
CA CYS A 520 -10.25 -18.62 -11.98
CA CYS A 520 -10.25 -18.63 -11.99
C CYS A 520 -11.05 -19.91 -11.77
N PRO A 521 -10.44 -21.07 -11.88
CA PRO A 521 -11.20 -22.32 -11.72
C PRO A 521 -11.69 -22.48 -10.30
N ILE A 522 -12.88 -23.07 -10.17
CA ILE A 522 -13.58 -23.22 -8.90
CA ILE A 522 -13.54 -23.23 -8.89
C ILE A 522 -13.98 -24.68 -8.74
N ALA A 523 -13.66 -25.28 -7.60
CA ALA A 523 -14.14 -26.63 -7.31
C ALA A 523 -15.46 -26.61 -6.57
N ASP A 524 -16.35 -27.52 -6.91
CA ASP A 524 -17.55 -27.71 -6.11
C ASP A 524 -17.16 -28.24 -4.74
N TYR A 525 -17.87 -27.81 -3.70
CA TYR A 525 -17.55 -28.25 -2.36
C TYR A 525 -18.04 -29.65 -2.07
N VAL A 526 -19.07 -30.11 -2.77
CA VAL A 526 -19.76 -31.36 -2.47
C VAL A 526 -19.31 -32.50 -3.39
N ASN A 527 -19.25 -32.23 -4.69
CA ASN A 527 -18.97 -33.23 -5.72
C ASN A 527 -17.52 -33.08 -6.17
N THR A 528 -16.70 -34.05 -5.81
CA THR A 528 -15.27 -33.96 -6.08
C THR A 528 -14.94 -34.03 -7.56
N ASN A 529 -15.92 -34.34 -8.40
CA ASN A 529 -15.71 -34.40 -9.84
C ASN A 529 -16.19 -33.16 -10.57
N LYS A 530 -16.64 -32.14 -9.86
CA LYS A 530 -17.24 -30.96 -10.48
C LYS A 530 -16.41 -29.71 -10.27
N PHE A 531 -16.17 -29.00 -11.37
CA PHE A 531 -15.47 -27.72 -11.38
C PHE A 531 -16.24 -26.77 -12.27
N TYR A 532 -16.01 -25.46 -12.05
CA TYR A 532 -16.61 -24.42 -12.86
C TYR A 532 -15.55 -23.39 -13.24
N ILE A 533 -15.75 -22.75 -14.39
CA ILE A 533 -14.98 -21.58 -14.81
C ILE A 533 -15.96 -20.59 -15.42
N TYR A 534 -16.05 -19.38 -14.85
CA TYR A 534 -16.80 -18.30 -15.47
C TYR A 534 -15.87 -17.51 -16.40
N SER A 535 -16.30 -17.31 -17.63
CA SER A 535 -15.53 -16.57 -18.62
C SER A 535 -16.12 -15.17 -18.85
N PRO A 536 -15.47 -14.11 -18.36
CA PRO A 536 -16.00 -12.76 -18.63
C PRO A 536 -16.12 -12.45 -20.10
N THR A 537 -15.20 -12.91 -20.93
CA THR A 537 -15.24 -12.52 -22.33
C THR A 537 -16.39 -13.18 -23.07
N SER A 538 -16.63 -14.46 -22.85
CA SER A 538 -17.71 -15.16 -23.53
C SER A 538 -19.04 -15.02 -22.81
N GLY A 539 -19.02 -14.68 -21.53
CA GLY A 539 -20.21 -14.67 -20.73
C GLY A 539 -20.68 -16.02 -20.25
N GLN A 540 -19.95 -17.08 -20.56
CA GLN A 540 -20.39 -18.44 -20.23
C GLN A 540 -19.95 -18.88 -18.85
N LEU A 541 -20.78 -19.75 -18.26
CA LEU A 541 -20.36 -20.58 -17.15
C LEU A 541 -19.98 -21.94 -17.71
N LEU A 542 -18.71 -22.26 -17.67
CA LEU A 542 -18.21 -23.57 -18.10
C LEU A 542 -18.24 -24.52 -16.91
N VAL A 543 -18.74 -25.72 -17.12
CA VAL A 543 -18.89 -26.70 -16.05
C VAL A 543 -18.23 -27.99 -16.49
N SER A 544 -17.51 -28.64 -15.57
CA SER A 544 -17.00 -29.97 -15.76
C SER A 544 -17.60 -30.91 -14.73
N THR A 545 -18.01 -32.10 -15.17
CA THR A 545 -18.48 -33.13 -14.28
C THR A 545 -17.57 -34.34 -14.28
N ASN A 546 -16.42 -34.26 -14.96
CA ASN A 546 -15.45 -35.34 -15.06
C ASN A 546 -14.09 -34.91 -14.50
N LYS A 547 -14.13 -34.11 -13.45
CA LYS A 547 -12.93 -33.78 -12.67
C LYS A 547 -11.94 -32.95 -13.49
N GLY A 548 -12.46 -32.13 -14.39
CA GLY A 548 -11.66 -31.23 -15.20
C GLY A 548 -11.23 -31.76 -16.55
N VAL A 549 -11.54 -33.02 -16.87
CA VAL A 549 -11.10 -33.57 -18.14
C VAL A 549 -11.74 -32.80 -19.30
N SER A 550 -12.98 -32.35 -19.14
CA SER A 550 -13.58 -31.51 -20.16
C SER A 550 -14.64 -30.63 -19.52
N PHE A 551 -14.94 -29.51 -20.20
CA PHE A 551 -15.94 -28.56 -19.76
C PHE A 551 -16.93 -28.31 -20.89
N THR A 552 -18.16 -27.94 -20.51
CA THR A 552 -19.16 -27.48 -21.47
C THR A 552 -19.81 -26.22 -20.93
N ALA A 553 -20.29 -25.37 -21.82
CA ALA A 553 -21.03 -24.18 -21.40
C ALA A 553 -22.43 -24.56 -20.93
N SER A 554 -22.88 -23.91 -19.87
CA SER A 554 -24.22 -24.14 -19.37
C SER A 554 -25.28 -23.60 -20.33
N ALA A 555 -26.53 -23.98 -20.07
CA ALA A 555 -27.59 -23.68 -21.02
C ALA A 555 -27.80 -22.18 -21.19
N VAL A 556 -27.73 -21.41 -20.11
CA VAL A 556 -27.93 -19.97 -20.15
C VAL A 556 -26.67 -19.33 -19.64
N ASN A 557 -26.19 -18.30 -20.35
CA ASN A 557 -25.00 -17.59 -19.89
C ASN A 557 -25.37 -16.62 -18.78
N PRO A 558 -24.55 -16.52 -17.74
CA PRO A 558 -24.79 -15.45 -16.75
C PRO A 558 -24.60 -14.06 -17.34
N GLY A 559 -23.76 -13.91 -18.35
CA GLY A 559 -23.52 -12.63 -19.02
C GLY A 559 -22.05 -12.26 -19.01
N GLN A 560 -21.68 -11.34 -19.91
CA GLN A 560 -20.29 -10.97 -20.11
C GLN A 560 -19.83 -9.88 -19.13
N TRP A 561 -18.50 -9.79 -19.02
CA TRP A 561 -17.77 -8.66 -18.45
C TRP A 561 -17.91 -8.58 -16.93
N GLY A 562 -18.24 -9.69 -16.29
CA GLY A 562 -18.14 -9.78 -14.85
C GLY A 562 -16.72 -10.05 -14.38
N SER A 563 -16.60 -10.23 -13.07
CA SER A 563 -15.35 -10.65 -12.47
C SER A 563 -15.17 -12.15 -12.67
N GLY A 564 -13.95 -12.56 -13.05
CA GLY A 564 -13.67 -13.97 -13.18
C GLY A 564 -13.79 -14.73 -11.89
N ARG A 565 -13.76 -14.04 -10.75
CA ARG A 565 -13.79 -14.69 -9.44
C ARG A 565 -15.24 -14.98 -9.06
N ALA A 566 -15.77 -16.06 -9.63
CA ALA A 566 -17.07 -16.59 -9.26
C ALA A 566 -16.91 -17.49 -8.05
N ARG A 567 -18.01 -17.80 -7.37
CA ARG A 567 -17.95 -18.54 -6.12
C ARG A 567 -18.93 -19.71 -6.11
N ALA A 568 -18.42 -20.88 -5.74
CA ALA A 568 -19.26 -22.00 -5.39
C ALA A 568 -19.72 -21.86 -3.94
N VAL A 569 -20.65 -22.73 -3.53
CA VAL A 569 -21.36 -22.57 -2.27
C VAL A 569 -21.26 -23.84 -1.46
N PRO A 570 -20.74 -23.79 -0.23
CA PRO A 570 -20.71 -24.99 0.61
C PRO A 570 -22.10 -25.60 0.74
N ASP A 571 -22.13 -26.93 0.69
CA ASP A 571 -23.32 -27.74 0.94
CA ASP A 571 -23.32 -27.74 0.94
C ASP A 571 -24.39 -27.55 -0.13
N ASN A 572 -24.03 -26.97 -1.28
CA ASN A 572 -24.99 -26.68 -2.32
C ASN A 572 -24.37 -26.95 -3.68
N GLU A 573 -24.25 -28.24 -4.01
CA GLU A 573 -23.71 -28.61 -5.30
C GLU A 573 -24.49 -27.94 -6.41
N GLY A 574 -23.77 -27.40 -7.38
CA GLY A 574 -24.39 -26.78 -8.54
C GLY A 574 -24.72 -25.31 -8.38
N SER A 575 -24.43 -24.72 -7.23
CA SER A 575 -24.67 -23.31 -7.00
C SER A 575 -23.42 -22.50 -7.25
N VAL A 576 -23.58 -21.44 -8.03
CA VAL A 576 -22.49 -20.51 -8.33
C VAL A 576 -23.04 -19.10 -8.31
N TRP A 577 -22.32 -18.20 -7.65
CA TRP A 577 -22.63 -16.77 -7.65
C TRP A 577 -21.59 -16.05 -8.52
N VAL A 578 -22.07 -15.13 -9.36
CA VAL A 578 -21.21 -14.41 -10.28
C VAL A 578 -21.44 -12.91 -10.10
N ALA A 579 -20.36 -12.20 -9.80
CA ALA A 579 -20.34 -10.74 -9.76
C ALA A 579 -20.16 -10.24 -11.18
N LEU A 580 -21.15 -9.51 -11.68
CA LEU A 580 -21.23 -9.15 -13.10
C LEU A 580 -20.84 -7.70 -13.35
N ASN A 581 -20.17 -7.04 -12.42
CA ASN A 581 -19.78 -5.63 -12.60
C ASN A 581 -21.04 -4.83 -12.90
N GLY A 582 -21.10 -4.06 -13.99
CA GLY A 582 -22.29 -3.31 -14.30
C GLY A 582 -23.49 -4.12 -14.70
N GLY A 583 -23.36 -5.45 -14.80
CA GLY A 583 -24.45 -6.36 -14.97
C GLY A 583 -25.04 -6.89 -13.67
N GLY A 584 -24.60 -6.39 -12.52
CA GLY A 584 -25.23 -6.75 -11.28
C GLY A 584 -24.71 -8.05 -10.69
N LEU A 585 -25.61 -8.82 -10.11
CA LEU A 585 -25.26 -10.05 -9.41
C LEU A 585 -26.28 -11.11 -9.81
N LYS A 586 -25.80 -12.30 -10.15
CA LYS A 586 -26.67 -13.43 -10.44
C LYS A 586 -26.14 -14.67 -9.76
N TYR A 587 -27.04 -15.60 -9.52
CA TYR A 587 -26.63 -16.91 -9.06
C TYR A 587 -27.46 -17.98 -9.75
N THR A 588 -26.87 -19.16 -9.82
CA THR A 588 -27.53 -20.35 -10.31
C THR A 588 -27.52 -21.38 -9.20
N THR A 589 -28.53 -22.24 -9.19
CA THR A 589 -28.57 -23.39 -8.29
C THR A 589 -28.52 -24.69 -9.08
N ASN A 590 -28.40 -24.62 -10.40
CA ASN A 590 -28.51 -25.78 -11.28
C ASN A 590 -27.42 -25.78 -12.34
N ASN A 591 -26.18 -25.45 -11.94
CA ASN A 591 -25.05 -25.58 -12.84
C ASN A 591 -25.14 -24.64 -14.03
N GLY A 592 -25.87 -23.54 -13.88
CA GLY A 592 -26.00 -22.56 -14.94
C GLY A 592 -27.06 -22.88 -15.97
N THR A 593 -27.94 -23.85 -15.72
CA THR A 593 -29.07 -24.02 -16.61
C THR A 593 -29.99 -22.81 -16.56
N SER A 594 -30.16 -22.20 -15.39
CA SER A 594 -30.90 -20.96 -15.26
C SER A 594 -30.27 -20.13 -14.15
N TRP A 595 -30.61 -18.85 -14.16
CA TRP A 595 -30.02 -17.86 -13.27
C TRP A 595 -31.09 -16.99 -12.63
N THR A 596 -30.87 -16.65 -11.35
CA THR A 596 -31.67 -15.66 -10.65
C THR A 596 -30.96 -14.31 -10.69
N THR A 597 -31.70 -13.30 -11.15
CA THR A 597 -31.26 -11.91 -11.09
C THR A 597 -31.52 -11.39 -9.69
N VAL A 598 -30.47 -10.91 -9.01
CA VAL A 598 -30.70 -10.37 -7.68
C VAL A 598 -31.26 -8.97 -7.83
N PRO A 599 -32.48 -8.72 -7.35
CA PRO A 599 -33.05 -7.37 -7.47
C PRO A 599 -32.23 -6.35 -6.71
N ASN A 600 -32.25 -5.11 -7.20
CA ASN A 600 -31.71 -3.95 -6.52
C ASN A 600 -30.20 -3.86 -6.55
N VAL A 601 -29.51 -4.85 -7.09
CA VAL A 601 -28.05 -4.83 -7.21
C VAL A 601 -27.73 -4.36 -8.63
N SER A 602 -27.40 -3.10 -8.78
CA SER A 602 -27.14 -2.55 -10.11
C SER A 602 -25.69 -2.73 -10.54
N TYR A 603 -24.80 -3.00 -9.60
CA TYR A 603 -23.39 -3.17 -9.86
C TYR A 603 -22.87 -4.13 -8.80
N CYS A 604 -22.02 -5.09 -9.19
CA CYS A 604 -21.37 -5.92 -8.19
C CYS A 604 -19.95 -6.24 -8.66
N GLY A 605 -18.97 -5.76 -7.94
CA GLY A 605 -17.58 -5.94 -8.27
C GLY A 605 -16.97 -7.20 -7.69
N ALA A 606 -17.55 -7.73 -6.61
CA ALA A 606 -16.99 -8.91 -5.98
C ALA A 606 -18.06 -9.55 -5.10
N VAL A 607 -18.00 -10.88 -5.02
CA VAL A 607 -18.91 -11.68 -4.19
C VAL A 607 -18.11 -12.72 -3.44
N GLY A 608 -18.52 -12.98 -2.20
CA GLY A 608 -17.90 -13.99 -1.38
C GLY A 608 -18.94 -14.66 -0.49
N ILE A 609 -18.56 -15.80 0.07
CA ILE A 609 -19.45 -16.62 0.86
C ILE A 609 -18.87 -16.73 2.26
N GLY A 610 -19.74 -16.83 3.27
CA GLY A 610 -19.27 -17.05 4.62
C GLY A 610 -20.26 -17.88 5.43
N LYS A 611 -19.92 -18.03 6.71
CA LYS A 611 -20.73 -18.84 7.61
CA LYS A 611 -20.72 -18.84 7.61
C LYS A 611 -22.16 -18.35 7.66
N ALA A 612 -23.10 -19.31 7.64
CA ALA A 612 -24.51 -18.98 7.73
C ALA A 612 -24.88 -18.35 9.07
N ALA A 613 -25.86 -17.44 9.04
CA ALA A 613 -26.44 -16.93 10.27
C ALA A 613 -27.09 -18.06 11.04
N THR A 614 -27.12 -17.91 12.34
CA THR A 614 -27.84 -18.86 13.17
C THR A 614 -29.30 -18.85 12.77
N GLY A 615 -29.83 -20.03 12.53
CA GLY A 615 -31.21 -20.17 12.13
C GLY A 615 -31.45 -20.00 10.64
N ALA A 616 -30.41 -19.72 9.87
CA ALA A 616 -30.55 -19.59 8.42
C ALA A 616 -30.23 -20.92 7.74
N THR A 617 -30.68 -21.04 6.50
CA THR A 617 -30.56 -22.27 5.72
C THR A 617 -29.58 -22.16 4.57
N TYR A 618 -28.92 -21.02 4.40
CA TYR A 618 -27.97 -20.80 3.32
C TYR A 618 -26.76 -20.10 3.91
N PRO A 619 -25.56 -20.36 3.38
CA PRO A 619 -24.39 -19.58 3.78
C PRO A 619 -24.66 -18.09 3.59
N ALA A 620 -23.98 -17.28 4.37
CA ALA A 620 -24.05 -15.83 4.16
C ALA A 620 -23.34 -15.46 2.86
N VAL A 621 -23.84 -14.40 2.22
CA VAL A 621 -23.26 -13.86 0.99
C VAL A 621 -22.85 -12.44 1.24
N TYR A 622 -21.65 -12.09 0.81
CA TYR A 622 -21.09 -10.76 0.96
C TYR A 622 -20.78 -10.22 -0.43
N ILE A 623 -21.07 -8.95 -0.64
CA ILE A 623 -20.73 -8.31 -1.91
C ILE A 623 -20.13 -6.94 -1.69
N TRP A 624 -19.25 -6.55 -2.61
CA TRP A 624 -18.91 -5.17 -2.84
C TRP A 624 -19.67 -4.76 -4.09
N GLY A 625 -20.63 -3.85 -3.93
CA GLY A 625 -21.46 -3.49 -5.06
C GLY A 625 -22.40 -2.37 -4.70
N THR A 626 -23.36 -2.13 -5.58
CA THR A 626 -24.34 -1.06 -5.40
C THR A 626 -25.69 -1.68 -5.21
N VAL A 627 -26.29 -1.44 -4.05
CA VAL A 627 -27.60 -1.93 -3.68
C VAL A 627 -28.52 -0.73 -3.50
N SER A 628 -29.58 -0.69 -4.27
CA SER A 628 -30.50 0.44 -4.25
C SER A 628 -29.76 1.77 -4.26
N GLY A 629 -28.76 1.84 -5.14
CA GLY A 629 -28.06 3.07 -5.41
C GLY A 629 -26.92 3.41 -4.49
N VAL A 630 -26.61 2.57 -3.51
CA VAL A 630 -25.53 2.84 -2.55
C VAL A 630 -24.42 1.83 -2.80
N ARG A 631 -23.22 2.32 -3.10
CA ARG A 631 -22.05 1.47 -3.28
C ARG A 631 -21.39 1.19 -1.93
N GLY A 632 -21.06 -0.07 -1.69
CA GLY A 632 -20.40 -0.43 -0.45
C GLY A 632 -20.39 -1.92 -0.26
N MET A 633 -20.16 -2.33 0.97
CA MET A 633 -20.13 -3.75 1.32
C MET A 633 -21.47 -4.11 1.93
N PHE A 634 -22.06 -5.19 1.42
CA PHE A 634 -23.37 -5.63 1.86
C PHE A 634 -23.34 -7.12 2.20
N ARG A 635 -24.19 -7.49 3.16
CA ARG A 635 -24.36 -8.86 3.59
C ARG A 635 -25.80 -9.30 3.36
N SER A 636 -25.97 -10.54 2.91
CA SER A 636 -27.27 -11.17 2.85
C SER A 636 -27.19 -12.50 3.58
N THR A 637 -28.13 -12.73 4.49
CA THR A 637 -28.21 -14.01 5.19
C THR A 637 -29.41 -14.83 4.73
N ASP A 638 -30.11 -14.40 3.69
CA ASP A 638 -31.30 -15.06 3.17
C ASP A 638 -31.20 -15.30 1.67
N GLN A 639 -30.03 -15.75 1.22
CA GLN A 639 -29.82 -16.16 -0.17
C GLN A 639 -30.11 -15.01 -1.15
N GLY A 640 -29.76 -13.80 -0.73
CA GLY A 640 -29.87 -12.66 -1.61
C GLY A 640 -31.24 -12.01 -1.68
N ALA A 641 -32.19 -12.41 -0.84
CA ALA A 641 -33.49 -11.75 -0.85
C ALA A 641 -33.43 -10.37 -0.23
N SER A 642 -32.56 -10.16 0.76
CA SER A 642 -32.40 -8.90 1.47
CA SER A 642 -32.38 -8.86 1.37
C SER A 642 -30.91 -8.66 1.70
N TRP A 643 -30.53 -7.40 1.76
CA TRP A 643 -29.15 -6.98 1.96
C TRP A 643 -29.07 -5.89 3.00
N ILE A 644 -27.98 -5.89 3.77
CA ILE A 644 -27.72 -4.80 4.70
C ILE A 644 -26.30 -4.30 4.47
N ARG A 645 -26.15 -2.98 4.47
CA ARG A 645 -24.83 -2.40 4.34
C ARG A 645 -24.05 -2.63 5.62
N ILE A 646 -22.82 -3.12 5.49
CA ILE A 646 -21.98 -3.45 6.64
C ILE A 646 -20.70 -2.64 6.70
N ASN A 647 -20.36 -1.89 5.66
CA ASN A 647 -19.34 -0.85 5.82
C ASN A 647 -20.04 0.48 6.09
N ASP A 648 -19.28 1.57 6.02
CA ASP A 648 -19.83 2.91 6.19
C ASP A 648 -18.96 3.87 5.38
N ASP A 649 -19.37 5.13 5.33
CA ASP A 649 -18.67 6.06 4.46
C ASP A 649 -17.24 6.30 4.89
N ALA A 650 -16.93 6.06 6.17
CA ALA A 650 -15.57 6.23 6.66
C ALA A 650 -14.69 5.03 6.36
N HIS A 651 -15.25 3.93 5.88
CA HIS A 651 -14.51 2.69 5.67
C HIS A 651 -14.85 2.12 4.31
N GLU A 652 -14.16 2.62 3.28
CA GLU A 652 -14.30 2.19 1.91
C GLU A 652 -12.97 1.75 1.31
N TRP A 653 -11.85 2.35 1.75
CA TRP A 653 -10.49 1.93 1.46
C TRP A 653 -10.10 2.08 0.00
N GLY A 654 -10.91 2.73 -0.81
CA GLY A 654 -10.72 2.77 -2.23
C GLY A 654 -11.32 1.63 -3.01
N GLY A 655 -12.01 0.70 -2.34
CA GLY A 655 -12.63 -0.43 -2.99
C GLY A 655 -11.73 -1.67 -2.99
N PRO A 656 -12.14 -2.72 -3.73
CA PRO A 656 -11.41 -4.01 -3.64
C PRO A 656 -10.03 -4.02 -4.28
N GLY A 657 -9.70 -3.07 -5.12
CA GLY A 657 -8.31 -2.95 -5.56
C GLY A 657 -7.79 -4.14 -6.36
N ASN A 658 -6.48 -4.34 -6.28
CA ASN A 658 -5.80 -5.26 -7.19
C ASN A 658 -6.34 -6.67 -7.07
N GLY A 659 -6.48 -7.17 -5.85
CA GLY A 659 -6.89 -8.54 -5.66
C GLY A 659 -8.35 -8.77 -5.99
N ASN A 660 -9.13 -7.71 -5.98
CA ASN A 660 -10.51 -7.71 -6.40
C ASN A 660 -11.31 -8.86 -5.79
N PHE A 661 -11.24 -8.98 -4.47
CA PHE A 661 -12.02 -10.03 -3.82
C PHE A 661 -12.62 -9.59 -2.50
N VAL A 662 -13.79 -10.21 -2.25
CA VAL A 662 -14.49 -10.20 -0.98
CA VAL A 662 -14.41 -10.21 -0.94
C VAL A 662 -14.69 -11.67 -0.59
N MET A 663 -14.44 -12.02 0.66
CA MET A 663 -14.56 -13.41 1.10
CA MET A 663 -14.68 -13.40 1.07
C MET A 663 -15.10 -13.44 2.52
N GLY A 664 -16.02 -14.34 2.83
CA GLY A 664 -16.46 -14.51 4.19
C GLY A 664 -15.62 -15.53 4.93
N ASP A 665 -15.54 -15.37 6.24
CA ASP A 665 -14.94 -16.39 7.07
C ASP A 665 -15.93 -17.53 7.25
N MET A 666 -15.43 -18.77 7.17
CA MET A 666 -16.31 -19.93 7.29
C MET A 666 -16.54 -20.36 8.73
N ASN A 667 -15.86 -19.74 9.69
CA ASN A 667 -15.96 -20.10 11.11
C ASN A 667 -16.55 -19.00 11.97
N VAL A 668 -16.42 -17.75 11.57
CA VAL A 668 -16.82 -16.60 12.37
C VAL A 668 -17.93 -15.90 11.61
N PHE A 669 -19.16 -16.06 12.08
CA PHE A 669 -20.28 -15.43 11.43
C PHE A 669 -20.06 -13.92 11.38
N GLY A 670 -20.40 -13.34 10.23
CA GLY A 670 -20.36 -11.92 10.05
C GLY A 670 -19.02 -11.37 9.63
N ARG A 671 -17.94 -12.15 9.76
CA ARG A 671 -16.63 -11.61 9.41
C ARG A 671 -16.43 -11.71 7.91
N VAL A 672 -16.03 -10.59 7.30
CA VAL A 672 -15.73 -10.54 5.88
C VAL A 672 -14.37 -9.89 5.70
N TYR A 673 -13.67 -10.36 4.68
CA TYR A 673 -12.35 -9.88 4.27
C TYR A 673 -12.47 -9.21 2.91
N MET A 674 -11.70 -8.14 2.68
CA MET A 674 -11.66 -7.52 1.37
C MET A 674 -10.24 -7.09 1.06
N SER A 675 -9.84 -7.31 -0.18
CA SER A 675 -8.58 -6.78 -0.69
C SER A 675 -8.67 -5.27 -0.90
N THR A 676 -7.49 -4.64 -1.01
CA THR A 676 -7.41 -3.20 -1.20
C THR A 676 -6.19 -2.87 -2.05
N VAL A 677 -6.12 -1.61 -2.52
CA VAL A 677 -4.94 -1.20 -3.28
C VAL A 677 -3.71 -1.04 -2.40
N GLY A 678 -3.88 -0.75 -1.09
CA GLY A 678 -2.72 -0.43 -0.30
C GLY A 678 -2.93 -0.51 1.20
N ARG A 679 -3.99 -1.17 1.63
CA ARG A 679 -4.30 -1.26 3.05
C ARG A 679 -4.37 -2.70 3.58
N GLY A 680 -3.58 -3.59 2.99
CA GLY A 680 -3.56 -4.97 3.43
C GLY A 680 -4.90 -5.63 3.19
N LEU A 681 -5.23 -6.61 4.04
CA LEU A 681 -6.50 -7.31 3.95
C LEU A 681 -7.39 -6.74 5.04
N VAL A 682 -8.40 -6.02 4.64
CA VAL A 682 -9.27 -5.39 5.62
C VAL A 682 -10.32 -6.40 6.09
N THR A 683 -10.79 -6.19 7.32
CA THR A 683 -11.86 -7.00 7.88
C THR A 683 -12.99 -6.12 8.36
N ILE A 684 -14.20 -6.67 8.25
CA ILE A 684 -15.38 -6.13 8.93
C ILE A 684 -15.94 -7.25 9.79
N GLU A 685 -16.06 -7.00 11.09
CA GLU A 685 -16.73 -7.91 12.01
C GLU A 685 -18.19 -7.49 12.04
N SER A 686 -18.94 -7.94 11.04
CA SER A 686 -20.26 -7.41 10.82
C SER A 686 -21.33 -8.02 11.73
N ASP A 687 -21.01 -9.02 12.55
CA ASP A 687 -21.97 -9.54 13.53
C ASP A 687 -21.99 -8.54 14.68
N LEU A 688 -22.97 -7.65 14.68
CA LEU A 688 -23.02 -6.55 15.64
C LEU A 688 -23.78 -6.93 16.89
N SER A 689 -24.09 -8.22 17.08
CA SER A 689 -24.67 -8.68 18.34
CA SER A 689 -24.68 -8.66 18.34
C SER A 689 -23.69 -8.44 19.47
N ALA A 690 -24.14 -7.78 20.53
CA ALA A 690 -23.29 -7.41 21.65
C ALA A 690 -24.08 -7.49 22.95
#